data_7C3C
#
_entry.id   7C3C
#
_cell.length_a   72.895
_cell.length_b   78.972
_cell.length_c   135.421
_cell.angle_alpha   90.000
_cell.angle_beta   90.000
_cell.angle_gamma   90.000
#
_symmetry.space_group_name_H-M   'P 21 21 21'
#
loop_
_entity.id
_entity.type
_entity.pdbx_description
1 polymer AofleA
2 non-polymer alpha-D-mannopyranose
3 non-polymer GLYCEROL
4 non-polymer beta-D-mannopyranose
5 water water
#
_entity_poly.entity_id   1
_entity_poly.type   'polypeptide(L)'
_entity_poly.pdbx_seq_one_letter_code
;MAPVEFPKSLRASSHSSEGGTTKEEDIYGYELLYRSAFASYIAPTGAWNLVWFQAADGSIKQARWYGEWVISTVLAPGKA
LQGTPLTALLWGPQDTVRLYYLSPQFELQEWCWDTKNGADNKYDGALNAAKVKVAPYSKLGAVSFGGANLRVYYQGTNNK
LEEYTFGGGQGWKKGATLPGDPLPGTYISFVNRNKWDANPPSIRGYFQTVTGSLAEQVWETGGWRIGQFVIPAAPFLTPI
SATVSPEKDFPKIHVYWLSVESTIIESVNWHGWKAPKQIDNISVVKADISATSFTRDDGTVDVRIYGTAQLNVLFERIFR
YGVWEEKIHSISVGKEIPIEVVGVAAALEHHHHHH
;
_entity_poly.pdbx_strand_id   A,B
#
# COMPACT_ATOMS: atom_id res chain seq x y z
N PRO A 3 16.70 -12.69 9.95
CA PRO A 3 16.61 -11.26 9.66
C PRO A 3 15.68 -11.03 8.48
N VAL A 4 15.36 -9.77 8.19
CA VAL A 4 14.72 -9.42 6.94
C VAL A 4 15.79 -8.96 5.97
N GLU A 5 15.54 -9.20 4.68
CA GLU A 5 16.47 -8.85 3.62
C GLU A 5 16.11 -7.49 3.04
N PHE A 6 17.14 -6.72 2.70
CA PHE A 6 17.00 -5.38 2.14
C PHE A 6 18.04 -5.24 1.04
N PRO A 7 17.76 -4.48 -0.02
CA PRO A 7 18.75 -4.35 -1.09
C PRO A 7 20.06 -3.79 -0.55
N LYS A 8 21.16 -4.52 -0.81
CA LYS A 8 22.46 -4.18 -0.25
CA LYS A 8 22.43 -4.16 -0.21
C LYS A 8 22.92 -2.80 -0.68
N SER A 9 22.52 -2.36 -1.87
CA SER A 9 22.94 -1.07 -2.41
C SER A 9 22.20 0.11 -1.79
N LEU A 10 21.17 -0.13 -0.98
CA LEU A 10 20.37 0.93 -0.39
C LEU A 10 20.63 1.01 1.11
N ARG A 11 20.54 2.22 1.65
CA ARG A 11 20.67 2.45 3.08
C ARG A 11 19.29 2.48 3.72
N ALA A 12 19.08 1.65 4.74
CA ALA A 12 17.79 1.56 5.41
C ALA A 12 17.61 2.60 6.51
N SER A 13 18.69 3.16 7.04
CA SER A 13 18.57 4.07 8.18
C SER A 13 19.81 4.96 8.22
N SER A 14 19.77 5.96 9.11
CA SER A 14 20.93 6.81 9.26
CA SER A 14 20.91 6.84 9.33
C SER A 14 22.12 6.09 9.87
N HIS A 15 21.92 4.90 10.42
CA HIS A 15 23.03 4.11 10.94
C HIS A 15 23.46 2.99 10.00
N SER A 16 22.94 2.96 8.78
CA SER A 16 23.41 2.01 7.80
C SER A 16 24.85 2.33 7.40
N SER A 17 25.55 1.31 6.91
CA SER A 17 26.89 1.51 6.38
CA SER A 17 26.88 1.50 6.36
C SER A 17 26.86 2.54 5.25
N GLU A 18 28.01 3.16 5.00
CA GLU A 18 28.06 4.23 4.00
C GLU A 18 27.71 3.73 2.62
N GLY A 19 28.09 2.50 2.29
CA GLY A 19 27.85 1.96 0.96
C GLY A 19 26.53 1.28 0.76
N GLY A 20 25.66 1.27 1.76
CA GLY A 20 24.42 0.52 1.71
C GLY A 20 24.18 -0.16 3.05
N THR A 21 23.32 -1.17 3.05
CA THR A 21 22.97 -1.89 4.26
C THR A 21 23.81 -3.16 4.36
N THR A 22 24.43 -3.36 5.52
CA THR A 22 25.19 -4.59 5.78
C THR A 22 24.38 -5.42 6.79
N LYS A 23 24.50 -5.11 8.07
CA LYS A 23 23.69 -5.72 9.10
CA LYS A 23 23.70 -5.72 9.11
C LYS A 23 23.36 -4.65 10.14
N GLU A 24 22.08 -4.52 10.47
CA GLU A 24 21.65 -3.49 11.41
C GLU A 24 20.31 -3.89 11.99
N GLU A 25 19.88 -3.16 13.00
CA GLU A 25 18.58 -3.34 13.62
CA GLU A 25 18.58 -3.34 13.62
C GLU A 25 17.68 -2.17 13.25
N ASP A 26 16.46 -2.47 12.83
CA ASP A 26 15.47 -1.45 12.53
C ASP A 26 14.16 -1.80 13.21
N ILE A 27 13.25 -0.85 13.24
CA ILE A 27 12.04 -0.93 14.07
C ILE A 27 10.81 -1.09 13.20
N TYR A 28 9.90 -1.96 13.64
CA TYR A 28 8.57 -2.13 13.07
C TYR A 28 7.58 -1.63 14.10
N GLY A 29 7.00 -0.46 13.85
CA GLY A 29 5.88 0.04 14.63
C GLY A 29 4.59 -0.48 14.03
N TYR A 30 4.05 -1.55 14.60
CA TYR A 30 2.96 -2.24 13.92
C TYR A 30 1.58 -1.66 14.21
N GLU A 31 1.49 -0.62 15.04
CA GLU A 31 0.23 0.08 15.24
C GLU A 31 0.11 1.33 14.37
N LEU A 32 1.10 1.57 13.51
CA LEU A 32 1.00 2.54 12.44
C LEU A 32 0.55 1.78 11.20
N LEU A 33 -0.51 2.26 10.53
CA LEU A 33 -0.92 1.60 9.29
C LEU A 33 0.28 1.52 8.35
N TYR A 34 0.52 0.34 7.77
CA TYR A 34 1.65 0.24 6.87
C TYR A 34 1.42 1.13 5.67
N ARG A 35 2.38 2.01 5.40
CA ARG A 35 2.25 3.02 4.33
C ARG A 35 1.14 4.03 4.63
N SER A 36 1.03 4.43 5.89
CA SER A 36 0.05 5.43 6.29
C SER A 36 0.19 6.71 5.48
N ALA A 37 -0.95 7.36 5.22
CA ALA A 37 -0.93 8.76 4.80
C ALA A 37 -0.46 9.64 5.95
N PHE A 38 0.06 10.81 5.60
CA PHE A 38 0.48 11.81 6.57
C PHE A 38 0.02 13.18 6.14
N ALA A 39 -0.43 13.97 7.12
CA ALA A 39 -0.60 15.41 6.98
C ALA A 39 0.14 16.07 8.13
N SER A 40 0.48 17.34 7.97
CA SER A 40 1.26 18.00 9.01
C SER A 40 1.10 19.50 8.91
N TYR A 41 1.36 20.16 10.04
CA TYR A 41 1.45 21.62 10.06
C TYR A 41 2.29 22.03 11.25
N ILE A 42 3.39 22.72 11.00
CA ILE A 42 4.16 23.33 12.08
C ILE A 42 3.61 24.74 12.31
N ALA A 43 3.55 25.15 13.58
CA ALA A 43 3.08 26.50 13.86
C ALA A 43 3.99 27.50 13.15
N PRO A 44 3.43 28.63 12.68
CA PRO A 44 4.29 29.62 12.01
C PRO A 44 5.36 30.22 12.91
N THR A 45 5.21 30.12 14.23
CA THR A 45 6.25 30.51 15.17
C THR A 45 7.27 29.42 15.41
N GLY A 46 7.03 28.21 14.93
CA GLY A 46 7.85 27.07 15.28
C GLY A 46 7.63 26.53 16.68
N ALA A 47 6.64 27.04 17.41
CA ALA A 47 6.49 26.68 18.82
C ALA A 47 6.02 25.25 19.01
N TRP A 48 5.25 24.71 18.06
CA TRP A 48 4.71 23.38 18.19
C TRP A 48 4.47 22.81 16.81
N ASN A 49 4.19 21.51 16.75
CA ASN A 49 4.04 20.78 15.49
C ASN A 49 2.83 19.87 15.59
N LEU A 50 2.11 19.72 14.49
CA LEU A 50 1.03 18.75 14.38
C LEU A 50 1.30 17.81 13.22
N VAL A 51 1.11 16.52 13.44
CA VAL A 51 1.21 15.49 12.41
C VAL A 51 0.00 14.58 12.56
N TRP A 52 -0.63 14.22 11.45
CA TRP A 52 -1.74 13.29 11.50
C TRP A 52 -1.42 12.08 10.65
N PHE A 53 -1.92 10.93 11.08
CA PHE A 53 -1.60 9.65 10.45
C PHE A 53 -2.74 8.69 10.74
N GLN A 54 -2.71 7.55 10.07
CA GLN A 54 -3.71 6.51 10.28
C GLN A 54 -3.09 5.36 11.06
N ALA A 55 -3.71 4.98 12.17
CA ALA A 55 -3.29 3.83 12.94
C ALA A 55 -3.70 2.55 12.23
N ALA A 56 -3.12 1.44 12.67
CA ALA A 56 -3.44 0.15 12.04
C ALA A 56 -4.94 -0.15 12.09
N ASP A 57 -5.62 0.26 13.16
CA ASP A 57 -7.05 0.03 13.29
C ASP A 57 -7.90 1.01 12.47
N GLY A 58 -7.27 1.87 11.67
CA GLY A 58 -8.00 2.78 10.83
C GLY A 58 -8.38 4.10 11.48
N SER A 59 -8.26 4.22 12.80
CA SER A 59 -8.46 5.53 13.41
C SER A 59 -7.45 6.53 12.88
N ILE A 60 -7.80 7.81 12.91
CA ILE A 60 -6.86 8.87 12.57
C ILE A 60 -6.34 9.46 13.86
N LYS A 61 -5.04 9.50 13.99
CA LYS A 61 -4.37 9.95 15.20
C LYS A 61 -3.54 11.19 14.90
N GLN A 62 -3.14 11.87 15.97
CA GLN A 62 -2.37 13.10 15.92
C GLN A 62 -1.14 12.93 16.78
N ALA A 63 0.01 13.31 16.24
CA ALA A 63 1.23 13.48 17.03
C ALA A 63 1.47 14.97 17.14
N ARG A 64 1.50 15.48 18.37
CA ARG A 64 1.70 16.90 18.63
C ARG A 64 3.01 17.06 19.36
N TRP A 65 3.90 17.90 18.83
CA TRP A 65 5.15 18.23 19.49
C TRP A 65 4.99 19.55 20.21
N TYR A 66 5.22 19.54 21.51
CA TYR A 66 5.26 20.75 22.31
C TYR A 66 6.26 20.44 23.43
N GLY A 67 7.54 20.60 23.11
CA GLY A 67 8.58 20.16 24.00
C GLY A 67 8.85 18.67 23.89
N GLU A 68 7.79 17.88 23.76
CA GLU A 68 7.85 16.44 23.55
C GLU A 68 6.66 16.05 22.69
N TRP A 69 6.72 14.85 22.10
CA TRP A 69 5.62 14.36 21.29
C TRP A 69 4.54 13.70 22.16
N VAL A 70 3.28 14.01 21.85
CA VAL A 70 2.12 13.42 22.53
C VAL A 70 1.17 12.90 21.44
N ILE A 71 0.73 11.65 21.60
CA ILE A 71 -0.17 11.01 20.64
C ILE A 71 -1.59 11.08 21.17
N SER A 72 -2.54 11.39 20.29
CA SER A 72 -3.96 11.36 20.62
C SER A 72 -4.72 10.85 19.41
N THR A 73 -6.00 10.53 19.61
CA THR A 73 -6.88 10.10 18.54
C THR A 73 -7.83 11.23 18.17
N VAL A 74 -7.91 11.54 16.88
CA VAL A 74 -8.81 12.61 16.43
C VAL A 74 -10.06 12.08 15.72
N LEU A 75 -10.00 10.91 15.09
CA LEU A 75 -11.15 10.30 14.44
C LEU A 75 -11.18 8.83 14.81
N ALA A 76 -12.32 8.37 15.34
CA ALA A 76 -12.48 7.02 15.79
C ALA A 76 -12.31 6.03 14.64
N PRO A 77 -11.99 4.77 14.94
CA PRO A 77 -12.06 3.73 13.89
C PRO A 77 -13.46 3.72 13.28
N GLY A 78 -13.52 3.43 11.99
CA GLY A 78 -14.77 3.36 11.27
C GLY A 78 -15.14 4.62 10.51
N LYS A 79 -14.48 5.74 10.80
CA LYS A 79 -14.82 7.01 10.16
CA LYS A 79 -14.85 7.00 10.14
C LYS A 79 -14.13 7.21 8.83
N ALA A 80 -12.92 6.69 8.67
CA ALA A 80 -12.10 6.93 7.50
C ALA A 80 -11.88 5.65 6.70
N LEU A 81 -11.81 5.81 5.38
CA LEU A 81 -11.33 4.75 4.50
C LEU A 81 -10.02 4.18 5.03
N GLN A 82 -9.87 2.86 4.96
CA GLN A 82 -8.59 2.26 5.28
C GLN A 82 -7.61 2.60 4.16
N GLY A 83 -6.56 3.35 4.49
CA GLY A 83 -5.70 3.92 3.47
C GLY A 83 -6.10 5.31 3.01
N THR A 84 -6.93 6.01 3.77
CA THR A 84 -7.36 7.34 3.37
C THR A 84 -6.17 8.27 3.13
N PRO A 85 -6.27 9.18 2.16
CA PRO A 85 -5.34 10.32 2.14
C PRO A 85 -5.70 11.29 3.25
N LEU A 86 -4.76 12.20 3.54
CA LEU A 86 -4.94 13.22 4.57
C LEU A 86 -4.32 14.53 4.08
N THR A 87 -4.96 15.65 4.42
CA THR A 87 -4.34 16.95 4.22
C THR A 87 -4.92 17.93 5.23
N ALA A 88 -4.13 18.93 5.64
CA ALA A 88 -4.53 19.79 6.75
C ALA A 88 -4.38 21.27 6.43
N LEU A 89 -5.19 22.07 7.13
CA LEU A 89 -5.12 23.52 7.12
C LEU A 89 -4.94 24.03 8.54
N LEU A 90 -4.26 25.17 8.66
CA LEU A 90 -4.03 25.84 9.94
C LEU A 90 -4.05 27.34 9.69
N TRP A 91 -4.91 28.08 10.40
CA TRP A 91 -4.92 29.54 10.24
C TRP A 91 -5.36 30.18 11.54
N GLY A 92 -5.32 31.52 11.56
CA GLY A 92 -5.89 32.25 12.67
C GLY A 92 -5.07 33.28 13.42
N PRO A 93 -3.71 33.28 13.36
CA PRO A 93 -2.75 32.51 12.56
C PRO A 93 -2.65 31.01 12.89
N GLN A 94 -3.03 30.59 14.10
CA GLN A 94 -2.72 29.22 14.46
C GLN A 94 -3.70 28.65 15.49
N ASP A 95 -4.95 29.09 15.46
CA ASP A 95 -5.96 28.63 16.39
C ASP A 95 -7.08 27.84 15.73
N THR A 96 -6.97 27.58 14.42
CA THR A 96 -8.06 26.93 13.69
C THR A 96 -7.44 25.88 12.78
N VAL A 97 -7.86 24.63 12.94
CA VAL A 97 -7.30 23.50 12.19
C VAL A 97 -8.43 22.79 11.47
N ARG A 98 -8.17 22.40 10.22
CA ARG A 98 -9.06 21.52 9.47
C ARG A 98 -8.24 20.35 8.94
N LEU A 99 -8.82 19.15 9.02
CA LEU A 99 -8.20 17.96 8.47
C LEU A 99 -9.17 17.30 7.51
N TYR A 100 -8.73 17.06 6.28
CA TYR A 100 -9.55 16.44 5.25
C TYR A 100 -9.12 15.01 5.02
N TYR A 101 -10.10 14.14 4.79
CA TYR A 101 -9.88 12.71 4.62
C TYR A 101 -11.04 12.16 3.81
N LEU A 102 -10.99 10.87 3.49
CA LEU A 102 -12.09 10.23 2.78
C LEU A 102 -12.82 9.27 3.69
N SER A 103 -14.15 9.25 3.56
CA SER A 103 -14.97 8.25 4.22
C SER A 103 -14.75 6.89 3.55
N PRO A 104 -15.24 5.80 4.16
CA PRO A 104 -15.12 4.49 3.51
C PRO A 104 -15.91 4.39 2.22
N GLN A 105 -16.79 5.36 1.95
CA GLN A 105 -17.53 5.47 0.70
C GLN A 105 -16.92 6.47 -0.25
N PHE A 106 -15.68 6.89 -0.01
CA PHE A 106 -14.94 7.74 -0.95
C PHE A 106 -15.56 9.13 -1.08
N GLU A 107 -16.13 9.66 0.01
CA GLU A 107 -16.60 11.04 0.03
C GLU A 107 -15.65 11.92 0.83
N LEU A 108 -15.49 13.17 0.37
CA LEU A 108 -14.70 14.13 1.12
C LEU A 108 -15.30 14.30 2.51
N GLN A 109 -14.44 14.31 3.53
CA GLN A 109 -14.84 14.54 4.90
C GLN A 109 -13.92 15.58 5.51
N GLU A 110 -14.41 16.23 6.56
CA GLU A 110 -13.70 17.31 7.22
C GLU A 110 -13.80 17.17 8.73
N TRP A 111 -12.67 17.27 9.41
CA TRP A 111 -12.63 17.36 10.86
C TRP A 111 -12.13 18.74 11.24
N CYS A 112 -12.74 19.33 12.28
CA CYS A 112 -12.50 20.71 12.67
C CYS A 112 -12.01 20.77 14.12
N TRP A 113 -11.00 21.61 14.37
CA TRP A 113 -10.50 21.81 15.71
C TRP A 113 -10.29 23.31 15.91
N ASP A 114 -11.10 23.92 16.78
CA ASP A 114 -11.08 25.36 17.01
C ASP A 114 -10.61 25.62 18.44
N THR A 115 -9.64 26.52 18.60
CA THR A 115 -9.13 26.87 19.91
C THR A 115 -9.17 28.36 20.20
N LYS A 116 -9.85 29.15 19.36
CA LYS A 116 -9.97 30.58 19.61
C LYS A 116 -10.57 30.83 20.99
N ASN A 117 -10.03 31.84 21.69
CA ASN A 117 -10.48 32.27 23.01
C ASN A 117 -10.33 31.19 24.07
N GLY A 118 -9.46 30.20 23.85
CA GLY A 118 -9.30 29.14 24.80
C GLY A 118 -10.35 28.06 24.71
N ALA A 119 -11.26 28.15 23.75
CA ALA A 119 -12.17 27.04 23.50
C ALA A 119 -11.39 25.83 23.05
N ASP A 120 -12.05 24.67 23.10
CA ASP A 120 -11.49 23.44 22.55
CA ASP A 120 -11.49 23.47 22.50
C ASP A 120 -12.65 22.67 21.93
N ASN A 121 -13.00 23.01 20.69
CA ASN A 121 -14.10 22.36 19.99
C ASN A 121 -13.51 21.47 18.90
N LYS A 122 -13.90 20.20 18.91
CA LYS A 122 -13.49 19.23 17.91
CA LYS A 122 -13.48 19.24 17.90
C LYS A 122 -14.75 18.61 17.34
N TYR A 123 -14.91 18.68 16.02
CA TYR A 123 -16.22 18.34 15.46
C TYR A 123 -16.15 18.08 13.96
N ASP A 124 -17.21 17.44 13.47
CA ASP A 124 -17.38 17.18 12.05
C ASP A 124 -17.74 18.48 11.32
N GLY A 125 -17.12 18.68 10.15
CA GLY A 125 -17.34 19.90 9.39
C GLY A 125 -18.48 19.79 8.37
N ALA A 126 -18.88 20.96 7.86
CA ALA A 126 -19.99 21.02 6.93
C ALA A 126 -19.68 20.41 5.57
N LEU A 127 -18.40 20.23 5.22
CA LEU A 127 -18.08 19.66 3.91
C LEU A 127 -18.73 18.29 3.74
N ASN A 128 -18.87 17.55 4.84
CA ASN A 128 -19.48 16.22 4.77
C ASN A 128 -20.86 16.26 4.14
N ALA A 129 -21.61 17.36 4.34
CA ALA A 129 -22.97 17.45 3.83
C ALA A 129 -23.02 17.42 2.30
N ALA A 130 -21.94 17.84 1.64
CA ALA A 130 -21.98 17.90 0.19
C ALA A 130 -21.85 16.52 -0.45
N LYS A 131 -21.41 15.51 0.32
CA LYS A 131 -21.30 14.12 -0.17
C LYS A 131 -20.55 14.07 -1.49
N VAL A 132 -19.38 14.69 -1.52
CA VAL A 132 -18.59 14.78 -2.74
C VAL A 132 -17.86 13.46 -2.95
N LYS A 133 -18.34 12.68 -3.92
CA LYS A 133 -17.72 11.40 -4.24
CA LYS A 133 -17.73 11.40 -4.25
C LYS A 133 -16.52 11.63 -5.15
N VAL A 134 -15.38 11.06 -4.80
CA VAL A 134 -14.13 11.27 -5.53
C VAL A 134 -13.68 9.94 -6.14
N ALA A 135 -12.68 10.00 -7.02
CA ALA A 135 -12.07 8.77 -7.48
C ALA A 135 -11.57 7.98 -6.27
N PRO A 136 -11.74 6.66 -6.23
CA PRO A 136 -11.46 5.94 -4.99
C PRO A 136 -10.00 5.97 -4.56
N TYR A 137 -9.08 6.19 -5.51
CA TYR A 137 -7.66 6.33 -5.27
C TYR A 137 -7.22 7.79 -5.17
N SER A 138 -8.17 8.72 -5.06
CA SER A 138 -7.83 10.13 -4.99
C SER A 138 -6.96 10.45 -3.78
N LYS A 139 -5.99 11.34 -3.99
CA LYS A 139 -5.31 12.00 -2.88
C LYS A 139 -6.00 13.34 -2.62
N LEU A 140 -5.47 14.10 -1.66
CA LEU A 140 -6.12 15.35 -1.24
C LEU A 140 -5.08 16.44 -1.01
N GLY A 141 -5.42 17.66 -1.43
CA GLY A 141 -4.67 18.84 -1.04
C GLY A 141 -5.65 19.93 -0.60
N ALA A 142 -5.11 20.98 -0.01
CA ALA A 142 -5.98 22.06 0.45
C ALA A 142 -5.14 23.29 0.76
N VAL A 143 -5.74 24.48 0.58
CA VAL A 143 -5.15 25.73 1.01
C VAL A 143 -6.23 26.59 1.67
N SER A 144 -5.78 27.61 2.40
CA SER A 144 -6.67 28.60 2.98
C SER A 144 -6.12 30.00 2.70
N PHE A 145 -7.03 30.98 2.63
CA PHE A 145 -6.61 32.36 2.41
C PHE A 145 -7.66 33.30 2.97
N GLY A 146 -7.26 34.56 3.15
CA GLY A 146 -8.20 35.54 3.69
C GLY A 146 -8.88 35.08 4.95
N GLY A 147 -8.16 34.35 5.81
CA GLY A 147 -8.79 33.69 6.93
C GLY A 147 -9.47 32.41 6.48
N ALA A 148 -10.80 32.36 6.61
CA ALA A 148 -11.56 31.14 6.38
C ALA A 148 -12.11 31.02 4.97
N ASN A 149 -11.29 31.32 3.94
CA ASN A 149 -11.61 30.93 2.57
C ASN A 149 -10.81 29.67 2.29
N LEU A 150 -11.50 28.57 2.04
CA LEU A 150 -10.88 27.25 2.01
C LEU A 150 -11.02 26.68 0.62
N ARG A 151 -10.02 25.92 0.20
CA ARG A 151 -10.03 25.25 -1.09
C ARG A 151 -9.54 23.84 -0.87
N VAL A 152 -10.31 22.85 -1.32
CA VAL A 152 -9.95 21.44 -1.22
C VAL A 152 -9.79 20.89 -2.62
N TYR A 153 -8.67 20.20 -2.85
CA TYR A 153 -8.31 19.64 -4.15
C TYR A 153 -8.31 18.13 -4.09
N TYR A 154 -8.84 17.51 -5.12
CA TYR A 154 -9.03 16.07 -5.15
C TYR A 154 -9.07 15.63 -6.60
N GLN A 155 -9.09 14.32 -6.79
CA GLN A 155 -9.18 13.74 -8.13
C GLN A 155 -10.61 13.24 -8.33
N GLY A 156 -11.28 13.80 -9.34
CA GLY A 156 -12.64 13.39 -9.64
C GLY A 156 -12.68 12.05 -10.33
N THR A 157 -13.90 11.56 -10.53
CA THR A 157 -14.07 10.21 -11.04
C THR A 157 -13.54 10.04 -12.46
N ASN A 158 -13.40 11.12 -13.23
CA ASN A 158 -12.80 11.05 -14.55
C ASN A 158 -11.29 11.35 -14.53
N ASN A 159 -10.69 11.39 -13.36
CA ASN A 159 -9.25 11.54 -13.14
C ASN A 159 -8.73 12.97 -13.25
N LYS A 160 -9.58 13.95 -13.58
CA LYS A 160 -9.16 15.34 -13.54
CA LYS A 160 -9.15 15.34 -13.54
C LYS A 160 -9.01 15.80 -12.10
N LEU A 161 -8.11 16.76 -11.87
CA LEU A 161 -8.06 17.39 -10.57
C LEU A 161 -9.18 18.41 -10.48
N GLU A 162 -9.81 18.47 -9.31
CA GLU A 162 -11.00 19.26 -9.06
C GLU A 162 -10.84 20.03 -7.76
N GLU A 163 -11.58 21.13 -7.66
CA GLU A 163 -11.57 22.00 -6.50
C GLU A 163 -12.97 22.11 -5.90
N TYR A 164 -13.03 22.16 -4.57
CA TYR A 164 -14.22 22.53 -3.81
C TYR A 164 -13.88 23.77 -3.00
N THR A 165 -14.83 24.68 -2.86
CA THR A 165 -14.56 26.00 -2.27
C THR A 165 -15.47 26.27 -1.08
N PHE A 166 -14.96 27.06 -0.13
CA PHE A 166 -15.72 27.54 1.00
C PHE A 166 -15.33 28.98 1.28
N GLY A 167 -16.30 29.81 1.62
CA GLY A 167 -15.98 31.15 2.09
C GLY A 167 -16.98 32.20 1.65
N GLY A 168 -16.85 33.41 2.20
CA GLY A 168 -17.72 34.50 1.80
C GLY A 168 -19.19 34.26 2.07
N GLY A 169 -19.50 33.44 3.07
CA GLY A 169 -20.88 33.12 3.38
C GLY A 169 -21.59 32.25 2.37
N GLN A 170 -20.86 31.62 1.45
CA GLN A 170 -21.49 30.83 0.39
C GLN A 170 -21.65 29.36 0.74
N GLY A 171 -21.00 28.90 1.80
CA GLY A 171 -20.93 27.48 2.07
C GLY A 171 -20.03 26.77 1.07
N TRP A 172 -20.02 25.45 1.16
CA TRP A 172 -19.22 24.63 0.25
C TRP A 172 -19.87 24.57 -1.13
N LYS A 173 -19.08 24.82 -2.17
CA LYS A 173 -19.55 24.79 -3.54
CA LYS A 173 -19.57 24.77 -3.53
C LYS A 173 -18.48 24.17 -4.41
N LYS A 174 -18.92 23.54 -5.51
CA LYS A 174 -17.96 23.07 -6.50
C LYS A 174 -17.18 24.26 -7.07
N GLY A 175 -15.87 24.11 -7.12
CA GLY A 175 -14.98 25.10 -7.72
C GLY A 175 -14.51 24.69 -9.10
N ALA A 176 -13.28 25.08 -9.42
CA ALA A 176 -12.76 24.88 -10.77
C ALA A 176 -12.48 23.40 -11.03
N THR A 177 -12.47 23.07 -12.32
CA THR A 177 -11.82 21.86 -12.83
C THR A 177 -10.48 22.29 -13.36
N LEU A 178 -9.43 21.65 -12.90
CA LEU A 178 -8.08 22.13 -13.21
C LEU A 178 -7.57 21.54 -14.52
N PRO A 179 -6.62 22.22 -15.18
CA PRO A 179 -6.06 21.69 -16.43
C PRO A 179 -5.13 20.51 -16.22
N GLY A 180 -4.61 19.97 -17.31
CA GLY A 180 -3.66 18.88 -17.24
C GLY A 180 -4.33 17.51 -17.29
N ASP A 181 -3.49 16.48 -17.36
CA ASP A 181 -3.91 15.09 -17.54
CA ASP A 181 -3.92 15.10 -17.52
C ASP A 181 -3.30 14.31 -16.39
N PRO A 182 -3.96 14.27 -15.23
CA PRO A 182 -3.33 13.66 -14.05
C PRO A 182 -3.34 12.14 -14.08
N LEU A 183 -2.25 11.56 -13.61
CA LEU A 183 -2.19 10.12 -13.45
C LEU A 183 -3.29 9.68 -12.48
N PRO A 184 -4.07 8.65 -12.79
CA PRO A 184 -5.03 8.13 -11.81
C PRO A 184 -4.29 7.73 -10.53
N GLY A 185 -4.75 8.27 -9.40
CA GLY A 185 -4.13 7.98 -8.12
C GLY A 185 -2.92 8.82 -7.79
N THR A 186 -2.60 9.83 -8.60
CA THR A 186 -1.45 10.67 -8.34
C THR A 186 -1.48 11.24 -6.92
N TYR A 187 -0.29 11.32 -6.30
CA TYR A 187 -0.19 12.16 -5.12
C TYR A 187 -0.34 13.61 -5.54
N ILE A 188 -0.87 14.44 -4.63
CA ILE A 188 -1.07 15.85 -4.93
C ILE A 188 -0.74 16.66 -3.69
N SER A 189 -0.30 17.89 -3.92
CA SER A 189 0.06 18.76 -2.82
C SER A 189 -0.09 20.20 -3.29
N PHE A 190 -0.89 20.99 -2.56
CA PHE A 190 -1.19 22.37 -2.90
C PHE A 190 -0.71 23.30 -1.79
N VAL A 191 -0.17 24.45 -2.19
CA VAL A 191 0.36 25.43 -1.26
C VAL A 191 -0.15 26.81 -1.66
N ASN A 192 -0.16 27.73 -0.68
CA ASN A 192 -0.51 29.13 -0.90
C ASN A 192 0.73 29.96 -0.61
N ARG A 193 1.27 30.60 -1.66
CA ARG A 193 2.47 31.41 -1.53
C ARG A 193 2.24 32.72 -0.80
N ASN A 194 1.00 33.12 -0.62
CA ASN A 194 0.68 34.34 0.13
C ASN A 194 0.25 33.98 1.55
N LYS A 195 0.26 34.99 2.42
CA LYS A 195 0.02 34.77 3.84
C LYS A 195 -1.42 34.34 4.10
N TRP A 196 -1.61 33.66 5.24
CA TRP A 196 -2.91 33.04 5.54
C TRP A 196 -4.05 34.05 5.57
N ASP A 197 -3.76 35.31 5.94
CA ASP A 197 -4.79 36.33 6.06
C ASP A 197 -4.88 37.23 4.82
N ALA A 198 -4.08 36.95 3.79
CA ALA A 198 -4.07 37.78 2.60
C ALA A 198 -5.06 37.27 1.56
N ASN A 199 -5.47 38.17 0.69
CA ASN A 199 -6.46 37.87 -0.35
C ASN A 199 -6.15 38.84 -1.47
N PRO A 200 -5.84 38.37 -2.70
CA PRO A 200 -5.95 36.98 -3.18
C PRO A 200 -4.83 36.03 -2.76
N PRO A 201 -5.08 34.74 -2.88
CA PRO A 201 -4.01 33.75 -2.70
C PRO A 201 -3.15 33.68 -3.96
N SER A 202 -2.07 32.91 -3.85
CA SER A 202 -1.18 32.59 -4.97
C SER A 202 -0.94 31.10 -4.85
N ILE A 203 -1.68 30.29 -5.61
CA ILE A 203 -1.78 28.86 -5.33
C ILE A 203 -0.92 28.08 -6.30
N ARG A 204 -0.22 27.07 -5.79
CA ARG A 204 0.50 26.12 -6.63
C ARG A 204 0.12 24.71 -6.18
N GLY A 205 -0.07 23.82 -7.15
CA GLY A 205 -0.28 22.42 -6.85
C GLY A 205 0.69 21.58 -7.65
N TYR A 206 1.09 20.46 -7.07
CA TYR A 206 2.06 19.55 -7.66
C TYR A 206 1.43 18.17 -7.78
N PHE A 207 1.65 17.53 -8.93
CA PHE A 207 1.01 16.26 -9.22
C PHE A 207 1.82 15.54 -10.30
N GLN A 208 1.48 14.27 -10.52
CA GLN A 208 2.08 13.45 -11.56
C GLN A 208 1.09 13.27 -12.70
N THR A 209 1.58 13.35 -13.93
CA THR A 209 0.73 13.26 -15.10
C THR A 209 0.69 11.83 -15.63
N VAL A 210 -0.18 11.61 -16.62
CA VAL A 210 -0.32 10.30 -17.24
C VAL A 210 0.95 9.84 -17.92
N THR A 211 1.87 10.74 -18.24
CA THR A 211 3.13 10.31 -18.84
C THR A 211 4.17 9.94 -17.80
N GLY A 212 3.92 10.18 -16.52
CA GLY A 212 4.90 9.96 -15.48
C GLY A 212 5.65 11.20 -15.06
N SER A 213 5.55 12.28 -15.84
CA SER A 213 6.18 13.53 -15.46
C SER A 213 5.50 14.14 -14.23
N LEU A 214 6.23 15.02 -13.55
CA LEU A 214 5.62 15.84 -12.53
C LEU A 214 5.31 17.22 -13.13
N ALA A 215 4.20 17.80 -12.66
CA ALA A 215 3.66 19.02 -13.23
C ALA A 215 3.13 19.91 -12.12
N GLU A 216 2.78 21.15 -12.50
CA GLU A 216 2.42 22.18 -11.55
C GLU A 216 1.15 22.90 -12.00
N GLN A 217 0.20 23.03 -11.08
CA GLN A 217 -0.99 23.86 -11.23
C GLN A 217 -0.69 25.25 -10.68
N VAL A 218 -1.15 26.28 -11.39
CA VAL A 218 -0.92 27.67 -11.01
C VAL A 218 -2.25 28.41 -10.96
N TRP A 219 -2.57 29.04 -9.83
CA TRP A 219 -3.61 30.04 -9.78
C TRP A 219 -3.00 31.37 -9.36
N GLU A 220 -3.01 32.37 -10.24
N GLU A 220 -3.11 32.35 -10.25
CA GLU A 220 -2.27 33.59 -9.93
CA GLU A 220 -2.83 33.75 -10.02
C GLU A 220 -3.07 34.85 -10.22
C GLU A 220 -3.95 34.56 -10.66
N THR A 221 -3.52 35.03 -11.46
N THR A 221 -3.58 35.65 -11.33
CA THR A 221 -4.30 36.22 -11.80
CA THR A 221 -4.47 36.67 -11.87
C THR A 221 -5.68 35.84 -12.32
C THR A 221 -5.78 36.16 -12.45
N GLY A 222 -5.75 35.49 -13.61
CA GLY A 222 -6.99 35.10 -14.23
C GLY A 222 -7.18 33.62 -14.51
N GLY A 223 -7.24 32.79 -13.46
CA GLY A 223 -7.63 31.40 -13.63
C GLY A 223 -6.45 30.44 -13.55
N TRP A 224 -6.79 29.16 -13.70
CA TRP A 224 -5.82 28.07 -13.54
C TRP A 224 -5.06 27.81 -14.83
N ARG A 225 -3.76 27.58 -14.68
CA ARG A 225 -2.92 27.23 -15.81
CA ARG A 225 -2.90 27.25 -15.82
C ARG A 225 -1.82 26.30 -15.35
N ILE A 226 -1.17 25.65 -16.31
CA ILE A 226 -0.07 24.75 -16.00
C ILE A 226 1.21 25.58 -15.89
N GLY A 227 1.97 25.36 -14.82
CA GLY A 227 3.14 26.17 -14.54
C GLY A 227 4.41 25.62 -15.14
N GLN A 228 5.52 26.30 -14.82
CA GLN A 228 6.82 25.98 -15.41
C GLN A 228 7.50 24.77 -14.77
N PHE A 229 7.11 24.37 -13.56
CA PHE A 229 7.75 23.23 -12.93
C PHE A 229 7.45 21.96 -13.71
N VAL A 230 8.49 21.35 -14.27
CA VAL A 230 8.36 20.13 -15.06
C VAL A 230 9.50 19.19 -14.69
N ILE A 231 9.16 18.00 -14.21
CA ILE A 231 10.11 16.92 -14.01
C ILE A 231 9.77 15.85 -15.05
N PRO A 232 10.60 15.62 -16.06
CA PRO A 232 10.16 14.75 -17.18
C PRO A 232 9.87 13.32 -16.78
N ALA A 233 10.54 12.79 -15.77
CA ALA A 233 10.38 11.39 -15.38
C ALA A 233 10.49 11.25 -13.87
N ALA A 234 9.60 10.44 -13.31
CA ALA A 234 9.62 10.17 -11.87
C ALA A 234 9.05 8.78 -11.67
N PRO A 235 9.30 8.16 -10.52
CA PRO A 235 8.74 6.82 -10.30
C PRO A 235 7.23 6.83 -10.34
N PHE A 236 6.67 5.70 -10.78
CA PHE A 236 5.22 5.54 -10.89
C PHE A 236 4.58 5.72 -9.52
N LEU A 237 3.58 6.61 -9.45
CA LEU A 237 2.87 6.91 -8.20
C LEU A 237 3.85 7.35 -7.10
N THR A 238 4.80 8.19 -7.46
CA THR A 238 5.73 8.67 -6.45
C THR A 238 5.01 9.57 -5.46
N PRO A 239 5.25 9.40 -4.16
CA PRO A 239 4.80 10.40 -3.19
C PRO A 239 5.31 11.79 -3.54
N ILE A 240 4.46 12.79 -3.30
CA ILE A 240 4.76 14.19 -3.54
C ILE A 240 4.26 15.00 -2.34
N SER A 241 5.07 15.92 -1.86
CA SER A 241 4.56 16.89 -0.88
C SER A 241 5.34 18.19 -1.04
N ALA A 242 4.62 19.31 -1.01
CA ALA A 242 5.22 20.62 -1.13
C ALA A 242 4.88 21.48 0.08
N THR A 243 5.74 22.47 0.33
CA THR A 243 5.50 23.42 1.40
C THR A 243 6.09 24.76 0.99
N VAL A 244 5.54 25.85 1.52
CA VAL A 244 6.03 27.18 1.20
C VAL A 244 6.05 28.05 2.45
N SER A 245 7.06 28.92 2.54
CA SER A 245 7.16 29.93 3.58
C SER A 245 8.07 31.02 3.05
N PRO A 246 7.93 32.26 3.51
CA PRO A 246 8.75 33.34 2.93
C PRO A 246 10.18 33.33 3.43
N GLU A 247 11.10 33.54 2.49
CA GLU A 247 12.50 33.78 2.81
C GLU A 247 12.87 35.12 2.18
N LYS A 248 13.36 36.05 3.01
CA LYS A 248 13.62 37.42 2.57
CA LYS A 248 13.63 37.42 2.56
C LYS A 248 12.40 38.04 1.90
N ASP A 249 11.24 37.79 2.50
CA ASP A 249 9.96 38.35 2.06
C ASP A 249 9.59 37.87 0.65
N PHE A 250 10.00 36.66 0.29
CA PHE A 250 9.58 36.09 -0.98
C PHE A 250 9.30 34.61 -0.79
N PRO A 251 8.21 34.09 -1.35
CA PRO A 251 7.83 32.69 -1.09
C PRO A 251 8.89 31.71 -1.58
N LYS A 252 9.30 30.83 -0.67
CA LYS A 252 10.24 29.75 -0.98
C LYS A 252 9.45 28.45 -0.97
N ILE A 253 9.22 27.90 -2.16
CA ILE A 253 8.51 26.62 -2.30
C ILE A 253 9.54 25.51 -2.26
N HIS A 254 9.26 24.47 -1.46
CA HIS A 254 10.03 23.23 -1.47
C HIS A 254 9.08 22.14 -1.96
N VAL A 255 9.47 21.44 -3.03
CA VAL A 255 8.70 20.32 -3.56
C VAL A 255 9.52 19.06 -3.34
N TYR A 256 8.92 18.05 -2.69
CA TYR A 256 9.59 16.78 -2.42
C TYR A 256 8.89 15.64 -3.13
N TRP A 257 9.68 14.71 -3.66
CA TRP A 257 9.16 13.45 -4.18
C TRP A 257 10.22 12.38 -3.98
N LEU A 258 9.89 11.15 -4.35
CA LEU A 258 10.82 10.05 -4.14
C LEU A 258 11.51 9.66 -5.43
N SER A 259 12.80 9.36 -5.31
CA SER A 259 13.62 8.88 -6.41
C SER A 259 13.33 7.40 -6.67
N VAL A 260 13.97 6.87 -7.71
CA VAL A 260 13.87 5.45 -8.01
C VAL A 260 14.44 4.58 -6.90
N GLU A 261 15.33 5.14 -6.06
CA GLU A 261 15.86 4.46 -4.88
C GLU A 261 15.05 4.75 -3.62
N SER A 262 13.89 5.41 -3.77
CA SER A 262 13.07 5.82 -2.64
C SER A 262 13.82 6.73 -1.68
N THR A 263 14.73 7.55 -2.20
CA THR A 263 15.30 8.64 -1.46
C THR A 263 14.55 9.92 -1.80
N ILE A 264 14.61 10.89 -0.90
CA ILE A 264 13.81 12.10 -1.05
C ILE A 264 14.55 13.12 -1.91
N ILE A 265 13.91 13.54 -2.99
CA ILE A 265 14.42 14.58 -3.89
CA ILE A 265 14.42 14.58 -3.89
C ILE A 265 13.69 15.88 -3.59
N GLU A 266 14.44 16.98 -3.60
CA GLU A 266 13.91 18.32 -3.32
C GLU A 266 14.16 19.24 -4.50
N SER A 267 13.13 20.00 -4.89
CA SER A 267 13.31 21.13 -5.79
CA SER A 267 13.26 21.13 -5.81
C SER A 267 12.76 22.38 -5.11
N VAL A 268 13.54 23.46 -5.15
CA VAL A 268 13.21 24.71 -4.49
C VAL A 268 12.89 25.76 -5.54
N ASN A 269 11.78 26.48 -5.34
CA ASN A 269 11.48 27.67 -6.13
C ASN A 269 11.61 28.90 -5.24
N TRP A 270 12.49 29.81 -5.64
CA TRP A 270 12.72 31.04 -4.89
C TRP A 270 13.46 31.95 -5.85
N HIS A 271 12.71 32.80 -6.56
CA HIS A 271 13.25 33.55 -7.70
C HIS A 271 13.82 32.60 -8.75
N GLY A 272 13.03 31.58 -9.09
CA GLY A 272 13.43 30.57 -10.05
C GLY A 272 13.57 29.21 -9.40
N TRP A 273 13.48 28.17 -10.23
CA TRP A 273 13.66 26.81 -9.76
C TRP A 273 15.13 26.44 -9.75
N LYS A 274 15.55 25.78 -8.68
CA LYS A 274 16.88 25.20 -8.59
CA LYS A 274 16.88 25.20 -8.57
C LYS A 274 16.81 23.73 -8.95
N ALA A 275 17.95 23.18 -9.38
CA ALA A 275 17.98 21.81 -9.84
C ALA A 275 17.57 20.85 -8.72
N PRO A 276 16.87 19.77 -9.04
CA PRO A 276 16.52 18.78 -8.01
C PRO A 276 17.76 18.24 -7.35
N LYS A 277 17.65 17.98 -6.05
CA LYS A 277 18.77 17.52 -5.25
C LYS A 277 18.24 16.51 -4.24
N GLN A 278 18.98 15.41 -4.08
CA GLN A 278 18.66 14.43 -3.06
C GLN A 278 19.05 14.98 -1.69
N ILE A 279 18.11 14.97 -0.74
CA ILE A 279 18.40 15.59 0.57
C ILE A 279 19.25 14.68 1.45
N ASP A 280 19.10 13.36 1.30
CA ASP A 280 19.94 12.37 1.95
C ASP A 280 19.78 11.08 1.16
N ASN A 281 20.67 10.12 1.41
CA ASN A 281 20.70 8.89 0.62
C ASN A 281 20.09 7.71 1.36
N ILE A 282 19.19 7.95 2.29
CA ILE A 282 18.51 6.89 3.04
C ILE A 282 17.18 6.59 2.38
N SER A 283 16.94 5.32 2.06
CA SER A 283 15.73 4.92 1.39
C SER A 283 14.58 4.83 2.39
N VAL A 284 13.55 5.65 2.20
CA VAL A 284 12.35 5.56 3.00
C VAL A 284 11.44 4.49 2.41
N VAL A 285 10.38 4.12 3.14
CA VAL A 285 9.35 3.30 2.53
C VAL A 285 8.65 4.11 1.47
N LYS A 286 8.45 3.53 0.28
CA LYS A 286 7.76 4.25 -0.79
CA LYS A 286 7.76 4.24 -0.79
C LYS A 286 6.29 4.38 -0.39
N ALA A 287 5.95 5.53 0.17
CA ALA A 287 4.65 5.78 0.78
C ALA A 287 4.59 7.27 1.07
N ASP A 288 3.39 7.74 1.41
CA ASP A 288 3.12 9.17 1.55
C ASP A 288 4.13 9.86 2.46
N ILE A 289 4.50 11.07 2.08
CA ILE A 289 5.31 11.96 2.90
C ILE A 289 4.52 13.25 3.08
N SER A 290 4.94 14.05 4.06
CA SER A 290 4.26 15.31 4.35
C SER A 290 5.30 16.32 4.79
N ALA A 291 5.38 17.44 4.08
CA ALA A 291 6.33 18.50 4.38
C ALA A 291 5.61 19.72 4.95
N THR A 292 6.26 20.41 5.88
CA THR A 292 5.75 21.65 6.42
C THR A 292 6.93 22.56 6.69
N SER A 293 6.67 23.86 6.85
CA SER A 293 7.78 24.80 6.99
C SER A 293 7.31 26.05 7.73
N PHE A 294 8.28 26.78 8.28
CA PHE A 294 8.01 28.09 8.86
C PHE A 294 9.24 28.97 8.69
N THR A 295 9.03 30.26 8.85
CA THR A 295 10.11 31.23 8.73
C THR A 295 10.55 31.65 10.13
N ARG A 296 11.79 31.35 10.48
CA ARG A 296 12.32 31.71 11.78
C ARG A 296 12.34 33.22 11.94
N ASP A 297 12.37 33.66 13.19
CA ASP A 297 12.49 35.09 13.48
CA ASP A 297 12.50 35.08 13.48
C ASP A 297 13.82 35.66 13.04
N ASP A 298 14.77 34.82 12.63
CA ASP A 298 16.03 35.28 12.04
C ASP A 298 15.97 35.34 10.52
N GLY A 299 14.82 34.99 9.92
CA GLY A 299 14.63 35.12 8.48
C GLY A 299 14.84 33.84 7.68
N THR A 300 15.37 32.78 8.28
CA THR A 300 15.62 31.56 7.54
C THR A 300 14.36 30.68 7.57
N VAL A 301 14.26 29.75 6.62
CA VAL A 301 13.11 28.85 6.51
C VAL A 301 13.48 27.45 6.97
N ASP A 302 12.82 26.99 8.03
CA ASP A 302 12.92 25.62 8.53
C ASP A 302 11.93 24.74 7.77
N VAL A 303 12.33 23.48 7.55
CA VAL A 303 11.44 22.49 6.93
C VAL A 303 11.42 21.26 7.82
N ARG A 304 10.26 20.61 7.89
CA ARG A 304 10.14 19.30 8.50
C ARG A 304 9.45 18.39 7.48
N ILE A 305 9.93 17.16 7.35
CA ILE A 305 9.26 16.16 6.52
C ILE A 305 8.93 14.96 7.40
N TYR A 306 7.71 14.46 7.28
CA TYR A 306 7.24 13.27 7.98
C TYR A 306 6.90 12.21 6.94
N GLY A 307 7.08 10.96 7.32
CA GLY A 307 6.74 9.86 6.44
C GLY A 307 7.11 8.55 7.09
N THR A 308 7.23 7.50 6.29
CA THR A 308 7.52 6.16 6.80
C THR A 308 8.96 5.77 6.48
N ALA A 309 9.74 5.49 7.52
CA ALA A 309 11.09 4.96 7.40
C ALA A 309 11.08 3.45 7.65
N GLN A 310 12.14 2.78 7.21
CA GLN A 310 12.26 1.35 7.46
C GLN A 310 12.30 1.10 8.96
N LEU A 311 11.63 0.04 9.42
CA LEU A 311 10.79 -0.84 8.60
C LEU A 311 9.35 -0.32 8.49
N ASN A 312 8.82 0.18 9.61
CA ASN A 312 7.57 0.95 9.59
C ASN A 312 7.57 1.89 10.77
N VAL A 313 8.22 3.04 10.63
CA VAL A 313 8.24 4.04 11.68
C VAL A 313 7.99 5.41 11.09
N LEU A 314 7.41 6.28 11.91
CA LEU A 314 7.14 7.65 11.54
C LEU A 314 8.43 8.44 11.72
N PHE A 315 9.03 8.86 10.61
CA PHE A 315 10.26 9.65 10.69
C PHE A 315 9.96 11.14 10.74
N GLU A 316 10.93 11.88 11.28
CA GLU A 316 10.97 13.33 11.13
C GLU A 316 12.34 13.73 10.62
N ARG A 317 12.37 14.32 9.42
CA ARG A 317 13.57 14.91 8.87
C ARG A 317 13.53 16.41 9.10
N ILE A 318 14.65 17.00 9.50
CA ILE A 318 14.72 18.39 9.96
C ILE A 318 15.71 19.17 9.11
N PHE A 319 15.23 20.23 8.48
CA PHE A 319 16.08 21.23 7.84
C PHE A 319 16.01 22.48 8.71
N ARG A 320 17.16 22.85 9.28
CA ARG A 320 17.20 23.90 10.28
C ARG A 320 18.57 24.56 10.19
N TYR A 321 18.59 25.88 10.21
CA TYR A 321 19.83 26.66 10.07
C TYR A 321 20.59 26.26 8.79
N GLY A 322 19.84 25.94 7.74
CA GLY A 322 20.43 25.74 6.43
C GLY A 322 20.96 24.36 6.13
N VAL A 323 20.73 23.37 6.99
CA VAL A 323 21.26 22.02 6.78
CA VAL A 323 21.29 22.03 6.84
C VAL A 323 20.22 20.99 7.19
N TRP A 324 20.22 19.88 6.46
CA TRP A 324 19.44 18.71 6.86
C TRP A 324 20.21 18.00 7.96
N GLU A 325 19.58 17.86 9.11
CA GLU A 325 20.27 17.28 10.25
C GLU A 325 20.49 15.78 10.04
N GLU A 326 21.70 15.33 10.38
N GLU A 326 21.64 15.28 10.52
CA GLU A 326 22.03 13.91 10.32
CA GLU A 326 22.08 13.94 10.18
C GLU A 326 21.14 13.11 11.24
C GLU A 326 21.22 12.85 10.81
N LYS A 327 20.70 13.71 12.34
N LYS A 327 20.98 12.95 12.12
CA LYS A 327 19.77 13.07 13.26
CA LYS A 327 20.27 11.90 12.85
C LYS A 327 18.38 13.09 12.64
C LYS A 327 18.77 12.04 12.63
N ILE A 328 17.94 11.92 12.19
N ILE A 328 18.18 11.04 12.00
CA ILE A 328 16.57 11.73 11.71
CA ILE A 328 16.75 11.02 11.71
C ILE A 328 15.78 11.13 12.86
C ILE A 328 16.07 10.14 12.76
N HIS A 329 14.72 11.81 13.29
N HIS A 329 15.38 10.77 13.70
CA HIS A 329 13.98 11.37 14.45
CA HIS A 329 14.68 10.09 14.78
C HIS A 329 12.96 10.30 14.06
C HIS A 329 13.28 9.69 14.32
N SER A 330 12.50 9.56 15.07
N SER A 330 12.66 8.80 15.08
CA SER A 330 11.39 8.62 14.92
CA SER A 330 11.29 8.40 14.82
C SER A 330 10.40 8.89 16.03
C SER A 330 10.40 8.82 15.98
N ILE A 331 9.10 8.90 15.69
CA ILE A 331 8.06 9.26 16.64
C ILE A 331 7.25 7.99 16.89
N SER A 332 7.33 7.45 18.10
CA SER A 332 6.63 6.21 18.39
C SER A 332 5.13 6.47 18.48
N VAL A 333 4.35 5.58 17.86
CA VAL A 333 2.89 5.70 17.86
C VAL A 333 2.21 4.46 18.41
N GLY A 334 2.96 3.57 19.03
CA GLY A 334 2.40 2.36 19.60
C GLY A 334 3.47 1.30 19.76
N LYS A 335 3.02 0.05 19.84
CA LYS A 335 3.92 -1.05 20.10
C LYS A 335 4.85 -1.30 18.93
N GLU A 336 6.07 -1.75 19.24
CA GLU A 336 7.13 -1.86 18.27
C GLU A 336 7.91 -3.15 18.50
N ILE A 337 8.48 -3.68 17.43
CA ILE A 337 9.44 -4.77 17.57
CA ILE A 337 9.38 -4.83 17.47
C ILE A 337 10.70 -4.45 16.78
N PRO A 338 11.86 -4.75 17.35
CA PRO A 338 13.11 -4.56 16.61
C PRO A 338 13.39 -5.81 15.79
N ILE A 339 13.85 -5.60 14.57
CA ILE A 339 14.13 -6.70 13.64
C ILE A 339 15.50 -6.46 13.00
N GLU A 340 16.30 -7.52 12.90
CA GLU A 340 17.57 -7.44 12.22
C GLU A 340 17.37 -7.37 10.71
N VAL A 341 18.12 -6.49 10.06
CA VAL A 341 18.06 -6.27 8.62
C VAL A 341 19.43 -6.60 8.03
N VAL A 342 19.44 -7.38 6.94
CA VAL A 342 20.69 -7.71 6.26
C VAL A 342 20.59 -7.28 4.80
N GLY A 343 21.67 -6.68 4.31
CA GLY A 343 21.74 -6.30 2.91
C GLY A 343 22.06 -7.50 2.03
N VAL A 344 21.29 -7.67 0.96
CA VAL A 344 21.41 -8.80 0.07
C VAL A 344 21.51 -8.28 -1.36
N ALA A 345 22.44 -8.86 -2.13
CA ALA A 345 22.62 -8.54 -3.53
C ALA A 345 21.74 -9.41 -4.42
N ALA A 346 21.72 -9.07 -5.70
CA ALA A 346 20.96 -9.85 -6.67
C ALA A 346 21.65 -11.18 -6.95
N PRO B 3 8.15 9.84 -18.98
CA PRO B 3 8.06 8.42 -18.63
CA PRO B 3 8.07 8.42 -18.62
C PRO B 3 8.07 8.23 -17.12
N VAL B 4 7.86 7.01 -16.65
CA VAL B 4 8.09 6.68 -15.26
C VAL B 4 9.46 6.02 -15.15
N GLU B 5 10.10 6.23 -14.00
CA GLU B 5 11.43 5.70 -13.73
C GLU B 5 11.33 4.39 -13.00
N PHE B 6 12.16 3.42 -13.39
CA PHE B 6 12.20 2.09 -12.80
C PHE B 6 13.66 1.72 -12.63
N PRO B 7 14.02 0.93 -11.60
CA PRO B 7 15.44 0.62 -11.41
C PRO B 7 16.02 -0.09 -12.62
N LYS B 8 17.12 0.45 -13.12
CA LYS B 8 17.68 -0.04 -14.38
C LYS B 8 18.10 -1.51 -14.28
N SER B 9 18.49 -1.97 -13.09
CA SER B 9 18.97 -3.33 -12.91
C SER B 9 17.85 -4.36 -12.87
N LEU B 10 16.59 -3.93 -12.81
CA LEU B 10 15.45 -4.83 -12.71
C LEU B 10 14.70 -4.86 -14.03
N ARG B 11 14.10 -6.02 -14.33
CA ARG B 11 13.25 -6.17 -15.51
C ARG B 11 11.81 -5.94 -15.10
N ALA B 12 11.13 -5.02 -15.79
CA ALA B 12 9.74 -4.73 -15.48
C ALA B 12 8.76 -5.67 -16.16
N SER B 13 9.16 -6.35 -17.22
CA SER B 13 8.24 -7.17 -18.00
C SER B 13 9.03 -8.20 -18.78
N SER B 14 8.30 -9.12 -19.43
CA SER B 14 8.91 -10.11 -20.30
C SER B 14 9.63 -9.46 -21.47
N HIS B 15 9.20 -8.27 -21.89
CA HIS B 15 9.83 -7.61 -23.01
C HIS B 15 10.93 -6.64 -22.60
N SER B 16 11.28 -6.60 -21.31
CA SER B 16 12.43 -5.83 -20.88
C SER B 16 13.69 -6.40 -21.49
N SER B 17 14.69 -5.54 -21.63
CA SER B 17 16.01 -5.97 -22.09
C SER B 17 16.55 -7.05 -21.17
N GLU B 18 17.51 -7.82 -21.70
CA GLU B 18 18.02 -8.98 -20.98
C GLU B 18 18.67 -8.59 -19.66
N GLY B 19 19.35 -7.45 -19.63
CA GLY B 19 20.06 -7.02 -18.44
C GLY B 19 19.31 -6.06 -17.54
N GLY B 20 18.02 -5.84 -17.77
CA GLY B 20 17.23 -4.90 -17.00
C GLY B 20 16.35 -4.09 -17.90
N THR B 21 15.80 -3.02 -17.35
CA THR B 21 14.88 -2.16 -18.10
C THR B 21 15.65 -1.03 -18.76
N THR B 22 15.40 -0.82 -20.06
CA THR B 22 15.98 0.31 -20.78
C THR B 22 14.87 1.31 -21.08
N LYS B 23 14.09 1.05 -22.13
CA LYS B 23 12.92 1.84 -22.44
CA LYS B 23 12.92 1.84 -22.46
C LYS B 23 11.85 0.90 -22.99
N GLU B 24 10.66 0.97 -22.42
CA GLU B 24 9.58 0.09 -22.84
C GLU B 24 8.25 0.72 -22.44
N GLU B 25 7.18 0.10 -22.89
CA GLU B 25 5.83 0.50 -22.52
CA GLU B 25 5.82 0.50 -22.53
C GLU B 25 5.21 -0.55 -21.62
N ASP B 26 4.58 -0.11 -20.53
CA ASP B 26 3.87 -1.01 -19.63
C ASP B 26 2.50 -0.43 -19.32
N ILE B 27 1.65 -1.25 -18.72
CA ILE B 27 0.23 -0.93 -18.59
C ILE B 27 -0.12 -0.63 -17.14
N TYR B 28 -0.93 0.40 -16.95
CA TYR B 28 -1.55 0.74 -15.67
C TYR B 28 -3.04 0.44 -15.78
N GLY B 29 -3.48 -0.65 -15.15
CA GLY B 29 -4.90 -0.91 -15.03
C GLY B 29 -5.42 -0.23 -13.78
N TYR B 30 -6.01 0.96 -13.94
CA TYR B 30 -6.31 1.77 -12.77
C TYR B 30 -7.64 1.41 -12.11
N GLU B 31 -8.38 0.44 -12.64
CA GLU B 31 -9.57 -0.06 -11.95
C GLU B 31 -9.28 -1.32 -11.15
N LEU B 32 -8.03 -1.78 -11.12
CA LEU B 32 -7.57 -2.78 -10.17
C LEU B 32 -7.03 -2.03 -8.96
N LEU B 33 -7.47 -2.38 -7.74
CA LEU B 33 -6.88 -1.75 -6.56
C LEU B 33 -5.36 -1.88 -6.63
N TYR B 34 -4.64 -0.78 -6.38
CA TYR B 34 -3.19 -0.90 -6.41
C TYR B 34 -2.75 -1.84 -5.29
N ARG B 35 -1.99 -2.86 -5.65
CA ARG B 35 -1.56 -3.90 -4.73
CA ARG B 35 -1.56 -3.89 -4.70
C ARG B 35 -2.74 -4.70 -4.18
N SER B 36 -3.69 -5.03 -5.05
CA SER B 36 -4.84 -5.84 -4.67
C SER B 36 -4.41 -7.16 -4.03
N ALA B 37 -5.21 -7.65 -3.08
CA ALA B 37 -5.10 -9.05 -2.71
C ALA B 37 -5.58 -9.93 -3.85
N PHE B 38 -5.12 -11.18 -3.84
CA PHE B 38 -5.58 -12.18 -4.80
C PHE B 38 -5.83 -13.50 -4.11
N ALA B 39 -6.92 -14.15 -4.50
CA ALA B 39 -7.17 -15.55 -4.20
C ALA B 39 -7.45 -16.26 -5.52
N SER B 40 -7.32 -17.57 -5.53
CA SER B 40 -7.48 -18.28 -6.78
C SER B 40 -7.73 -19.76 -6.54
N TYR B 41 -8.31 -20.40 -7.56
CA TYR B 41 -8.45 -21.85 -7.54
C TYR B 41 -8.63 -22.33 -8.96
N ILE B 42 -7.76 -23.21 -9.41
CA ILE B 42 -7.96 -23.91 -10.67
C ILE B 42 -8.72 -25.20 -10.38
N ALA B 43 -9.64 -25.57 -11.26
CA ALA B 43 -10.39 -26.79 -11.07
C ALA B 43 -9.43 -27.98 -11.00
N PRO B 44 -9.75 -28.99 -10.19
CA PRO B 44 -8.88 -30.18 -10.14
C PRO B 44 -8.74 -30.89 -11.47
N THR B 45 -9.70 -30.73 -12.39
CA THR B 45 -9.55 -31.28 -13.73
C THR B 45 -8.69 -30.40 -14.62
N GLY B 46 -8.39 -29.17 -14.19
CA GLY B 46 -7.70 -28.21 -15.02
C GLY B 46 -8.58 -27.48 -16.01
N ALA B 47 -9.89 -27.73 -16.01
CA ALA B 47 -10.74 -27.22 -17.09
C ALA B 47 -10.92 -25.71 -17.01
N TRP B 48 -11.07 -25.17 -15.81
CA TRP B 48 -11.41 -23.76 -15.64
C TRP B 48 -10.67 -23.21 -14.42
N ASN B 49 -10.65 -21.88 -14.33
CA ASN B 49 -9.90 -21.17 -13.29
C ASN B 49 -10.77 -20.08 -12.70
N LEU B 50 -10.58 -19.83 -11.40
CA LEU B 50 -11.21 -18.71 -10.72
C LEU B 50 -10.12 -17.89 -10.04
N VAL B 51 -10.21 -16.56 -10.17
CA VAL B 51 -9.31 -15.63 -9.51
C VAL B 51 -10.18 -14.53 -8.93
N TRP B 52 -9.92 -14.15 -7.68
CA TRP B 52 -10.65 -13.05 -7.07
C TRP B 52 -9.68 -11.95 -6.69
N PHE B 53 -10.17 -10.71 -6.78
CA PHE B 53 -9.32 -9.54 -6.55
C PHE B 53 -10.22 -8.39 -6.13
N GLN B 54 -9.61 -7.29 -5.71
CA GLN B 54 -10.35 -6.10 -5.32
C GLN B 54 -10.19 -5.03 -6.38
N ALA B 55 -11.31 -4.49 -6.84
CA ALA B 55 -11.29 -3.35 -7.77
C ALA B 55 -10.98 -2.06 -7.01
N ALA B 56 -10.65 -1.01 -7.76
CA ALA B 56 -10.31 0.27 -7.14
C ALA B 56 -11.44 0.79 -6.27
N ASP B 57 -12.69 0.53 -6.66
CA ASP B 57 -13.85 0.98 -5.90
C ASP B 57 -14.15 0.13 -4.68
N GLY B 58 -13.32 -0.87 -4.39
CA GLY B 58 -13.46 -1.71 -3.22
C GLY B 58 -14.33 -2.92 -3.41
N SER B 59 -15.04 -3.02 -4.53
CA SER B 59 -15.79 -4.24 -4.82
C SER B 59 -14.82 -5.41 -4.97
N ILE B 60 -15.31 -6.62 -4.70
CA ILE B 60 -14.55 -7.84 -4.96
C ILE B 60 -15.08 -8.43 -6.26
N LYS B 61 -14.16 -8.70 -7.17
CA LYS B 61 -14.49 -9.19 -8.49
C LYS B 61 -13.86 -10.56 -8.71
N GLN B 62 -14.33 -11.21 -9.76
CA GLN B 62 -13.91 -12.56 -10.12
C GLN B 62 -13.51 -12.57 -11.59
N ALA B 63 -12.35 -13.16 -11.87
CA ALA B 63 -11.96 -13.51 -13.23
C ALA B 63 -12.09 -15.02 -13.36
N ARG B 64 -12.90 -15.46 -14.34
CA ARG B 64 -13.13 -16.88 -14.57
C ARG B 64 -12.61 -17.22 -15.96
N TRP B 65 -11.77 -18.24 -16.04
CA TRP B 65 -11.28 -18.72 -17.32
C TRP B 65 -11.95 -20.03 -17.68
N TYR B 66 -12.54 -20.08 -18.87
CA TYR B 66 -13.03 -21.33 -19.46
C TYR B 66 -12.94 -21.08 -20.96
N GLY B 67 -11.73 -21.29 -21.49
CA GLY B 67 -11.44 -20.95 -22.88
C GLY B 67 -11.12 -19.49 -23.07
N GLU B 68 -11.70 -18.63 -22.22
CA GLU B 68 -11.54 -17.19 -22.27
CA GLU B 68 -11.51 -17.19 -22.27
C GLU B 68 -11.75 -16.66 -20.86
N TRP B 69 -11.23 -15.47 -20.57
CA TRP B 69 -11.43 -14.83 -19.27
C TRP B 69 -12.70 -13.98 -19.30
N VAL B 70 -13.52 -14.10 -18.25
CA VAL B 70 -14.72 -13.30 -18.06
C VAL B 70 -14.67 -12.68 -16.67
N ILE B 71 -14.90 -11.38 -16.58
CA ILE B 71 -14.88 -10.66 -15.31
C ILE B 71 -16.30 -10.46 -14.83
N SER B 72 -16.52 -10.67 -13.52
CA SER B 72 -17.80 -10.41 -12.90
C SER B 72 -17.56 -9.80 -11.52
N THR B 73 -18.59 -9.24 -10.92
CA THR B 73 -18.51 -8.66 -9.58
C THR B 73 -19.24 -9.59 -8.61
N VAL B 74 -18.58 -9.95 -7.51
CA VAL B 74 -19.18 -10.85 -6.53
C VAL B 74 -19.58 -10.15 -5.23
N LEU B 75 -18.89 -9.09 -4.83
CA LEU B 75 -19.23 -8.35 -3.62
C LEU B 75 -19.20 -6.86 -3.93
N ALA B 76 -20.31 -6.19 -3.64
CA ALA B 76 -20.46 -4.78 -3.94
C ALA B 76 -19.52 -3.93 -3.07
N PRO B 77 -19.22 -2.70 -3.47
CA PRO B 77 -18.51 -1.78 -2.58
C PRO B 77 -19.20 -1.72 -1.22
N GLY B 78 -18.40 -1.66 -0.16
CA GLY B 78 -18.89 -1.62 1.20
C GLY B 78 -18.84 -2.95 1.93
N LYS B 79 -18.80 -4.06 1.19
CA LYS B 79 -18.73 -5.36 1.87
C LYS B 79 -17.36 -5.60 2.48
N ALA B 80 -16.30 -5.20 1.79
CA ALA B 80 -14.95 -5.57 2.15
C ALA B 80 -14.13 -4.35 2.56
N LEU B 81 -13.27 -4.54 3.56
CA LEU B 81 -12.22 -3.58 3.87
C LEU B 81 -11.49 -3.16 2.60
N GLN B 82 -11.16 -1.88 2.50
CA GLN B 82 -10.28 -1.45 1.40
C GLN B 82 -8.89 -2.00 1.67
N GLY B 83 -8.39 -2.85 0.78
CA GLY B 83 -7.18 -3.60 1.05
C GLY B 83 -7.41 -4.93 1.76
N THR B 84 -8.63 -5.48 1.73
CA THR B 84 -8.89 -6.75 2.39
C THR B 84 -7.95 -7.85 1.90
N PRO B 85 -7.56 -8.78 2.77
CA PRO B 85 -7.01 -10.05 2.29
C PRO B 85 -8.12 -10.90 1.69
N LEU B 86 -7.70 -11.93 0.94
CA LEU B 86 -8.61 -12.86 0.31
C LEU B 86 -8.01 -14.26 0.35
N THR B 87 -8.86 -15.28 0.54
CA THR B 87 -8.44 -16.66 0.38
C THR B 87 -9.65 -17.51 0.03
N ALA B 88 -9.44 -18.58 -0.73
CA ALA B 88 -10.56 -19.33 -1.32
C ALA B 88 -10.45 -20.83 -1.07
N LEU B 89 -11.62 -21.48 -1.06
CA LEU B 89 -11.77 -22.93 -0.98
C LEU B 89 -12.60 -23.42 -2.15
N LEU B 90 -12.37 -24.67 -2.55
CA LEU B 90 -13.11 -25.30 -3.63
C LEU B 90 -13.20 -26.79 -3.33
N TRP B 91 -14.40 -27.36 -3.29
CA TRP B 91 -14.54 -28.79 -3.08
C TRP B 91 -15.80 -29.28 -3.79
N GLY B 92 -16.03 -30.60 -3.72
CA GLY B 92 -17.28 -31.16 -4.17
C GLY B 92 -17.31 -32.28 -5.19
N PRO B 93 -16.25 -32.52 -5.99
CA PRO B 93 -14.88 -32.00 -6.02
C PRO B 93 -14.73 -30.54 -6.46
N GLN B 94 -15.67 -29.99 -7.23
CA GLN B 94 -15.42 -28.68 -7.80
C GLN B 94 -16.70 -27.91 -8.06
N ASP B 95 -17.67 -28.03 -7.16
CA ASP B 95 -18.94 -27.34 -7.31
C ASP B 95 -19.30 -26.47 -6.12
N THR B 96 -18.42 -26.31 -5.16
CA THR B 96 -18.71 -25.58 -3.93
C THR B 96 -17.51 -24.70 -3.63
N VAL B 97 -17.72 -23.38 -3.63
CA VAL B 97 -16.65 -22.39 -3.53
C VAL B 97 -16.91 -21.52 -2.32
N ARG B 98 -15.85 -21.20 -1.57
CA ARG B 98 -15.94 -20.21 -0.50
C ARG B 98 -14.82 -19.19 -0.68
N LEU B 99 -15.12 -17.92 -0.40
CA LEU B 99 -14.12 -16.87 -0.42
C LEU B 99 -14.20 -16.14 0.92
N TYR B 100 -13.07 -16.01 1.59
CA TYR B 100 -12.98 -15.33 2.88
C TYR B 100 -12.31 -13.98 2.70
N TYR B 101 -12.84 -12.99 3.43
CA TYR B 101 -12.39 -11.62 3.35
C TYR B 101 -12.68 -10.95 4.68
N LEU B 102 -12.25 -9.70 4.83
CA LEU B 102 -12.54 -8.93 6.04
C LEU B 102 -13.53 -7.83 5.73
N SER B 103 -14.45 -7.60 6.66
CA SER B 103 -15.34 -6.46 6.57
C SER B 103 -14.55 -5.19 6.87
N PRO B 104 -15.14 -4.01 6.63
CA PRO B 104 -14.44 -2.76 6.98
C PRO B 104 -14.19 -2.61 8.47
N GLN B 105 -14.83 -3.44 9.30
CA GLN B 105 -14.63 -3.47 10.75
CA GLN B 105 -14.62 -3.47 10.75
C GLN B 105 -13.73 -4.63 11.17
N PHE B 106 -12.98 -5.21 10.23
CA PHE B 106 -11.97 -6.23 10.55
C PHE B 106 -12.58 -7.49 11.14
N GLU B 107 -13.76 -7.87 10.66
CA GLU B 107 -14.38 -9.15 11.05
C GLU B 107 -14.33 -10.13 9.89
N LEU B 108 -14.09 -11.40 10.22
CA LEU B 108 -14.09 -12.45 9.20
C LEU B 108 -15.44 -12.49 8.47
N GLN B 109 -15.37 -12.59 7.14
CA GLN B 109 -16.58 -12.73 6.32
C GLN B 109 -16.38 -13.87 5.34
N GLU B 110 -17.49 -14.42 4.85
CA GLU B 110 -17.48 -15.59 3.98
C GLU B 110 -18.51 -15.40 2.89
N TRP B 111 -18.08 -15.55 1.64
CA TRP B 111 -18.97 -15.59 0.48
C TRP B 111 -19.01 -17.02 -0.04
N CYS B 112 -20.21 -17.48 -0.38
CA CYS B 112 -20.46 -18.86 -0.80
C CYS B 112 -20.99 -18.88 -2.23
N TRP B 113 -20.49 -19.82 -3.02
CA TRP B 113 -21.00 -20.03 -4.37
C TRP B 113 -21.19 -21.53 -4.55
N ASP B 114 -22.44 -21.96 -4.66
CA ASP B 114 -22.80 -23.37 -4.77
C ASP B 114 -23.35 -23.62 -6.17
N THR B 115 -22.78 -24.62 -6.86
CA THR B 115 -23.19 -24.95 -8.22
C THR B 115 -23.52 -26.42 -8.41
N LYS B 116 -23.62 -27.20 -7.33
CA LYS B 116 -23.94 -28.62 -7.49
C LYS B 116 -25.34 -28.76 -8.08
N ASN B 117 -25.51 -29.79 -8.90
CA ASN B 117 -26.80 -30.07 -9.56
C ASN B 117 -27.23 -28.95 -10.51
N GLY B 118 -26.28 -28.18 -11.04
CA GLY B 118 -26.63 -27.10 -11.94
C GLY B 118 -27.13 -25.85 -11.25
N ALA B 119 -27.11 -25.81 -9.93
CA ALA B 119 -27.48 -24.60 -9.21
C ALA B 119 -26.47 -23.49 -9.50
N ASP B 120 -26.85 -22.27 -9.13
CA ASP B 120 -25.94 -21.13 -9.29
C ASP B 120 -26.30 -20.12 -8.20
N ASN B 121 -25.84 -20.40 -6.99
CA ASN B 121 -26.26 -19.65 -5.80
C ASN B 121 -25.07 -18.96 -5.17
N LYS B 122 -25.12 -17.64 -5.11
CA LYS B 122 -24.12 -16.83 -4.41
C LYS B 122 -24.78 -16.22 -3.18
N TYR B 123 -24.15 -16.36 -2.02
CA TYR B 123 -24.82 -15.94 -0.79
C TYR B 123 -23.81 -15.81 0.34
N ASP B 124 -24.22 -15.11 1.40
CA ASP B 124 -23.36 -14.93 2.55
C ASP B 124 -23.30 -16.21 3.38
N GLY B 125 -22.09 -16.51 3.88
CA GLY B 125 -21.91 -17.65 4.75
C GLY B 125 -22.21 -17.34 6.21
N ALA B 126 -22.30 -18.42 7.00
CA ALA B 126 -22.63 -18.28 8.41
C ALA B 126 -21.48 -17.70 9.23
N LEU B 127 -20.26 -17.68 8.69
CA LEU B 127 -19.13 -17.13 9.44
C LEU B 127 -19.38 -15.67 9.82
N ASN B 128 -20.09 -14.92 8.97
CA ASN B 128 -20.31 -13.50 9.24
C ASN B 128 -20.95 -13.31 10.60
N ALA B 129 -21.92 -14.14 10.94
CA ALA B 129 -22.66 -13.99 12.19
C ALA B 129 -21.81 -14.25 13.42
N ALA B 130 -20.68 -14.94 13.28
CA ALA B 130 -19.81 -15.17 14.43
C ALA B 130 -19.07 -13.90 14.85
N LYS B 131 -19.01 -12.89 13.99
CA LYS B 131 -18.45 -11.58 14.32
C LYS B 131 -17.04 -11.68 14.90
N VAL B 132 -16.17 -12.39 14.17
CA VAL B 132 -14.82 -12.67 14.64
C VAL B 132 -13.92 -11.50 14.29
N LYS B 133 -13.54 -10.71 15.31
CA LYS B 133 -12.64 -9.58 15.13
CA LYS B 133 -12.65 -9.59 15.13
C LYS B 133 -11.20 -10.07 15.06
N VAL B 134 -10.46 -9.60 14.07
CA VAL B 134 -9.08 -10.02 13.87
C VAL B 134 -8.16 -8.80 13.91
N ALA B 135 -6.86 -9.05 13.98
CA ALA B 135 -5.92 -7.95 13.88
C ALA B 135 -6.19 -7.20 12.57
N PRO B 136 -6.11 -5.87 12.56
CA PRO B 136 -6.56 -5.14 11.38
C PRO B 136 -5.70 -5.38 10.14
N TYR B 137 -4.45 -5.76 10.33
CA TYR B 137 -3.51 -6.10 9.26
C TYR B 137 -3.47 -7.61 9.00
N SER B 138 -4.40 -8.39 9.56
CA SER B 138 -4.39 -9.83 9.38
C SER B 138 -4.52 -10.21 7.91
N LYS B 139 -3.76 -11.22 7.49
CA LYS B 139 -4.04 -11.91 6.25
C LYS B 139 -4.94 -13.12 6.56
N LEU B 140 -5.25 -13.92 5.54
CA LEU B 140 -6.19 -15.02 5.68
C LEU B 140 -5.70 -16.24 4.92
N GLY B 141 -5.87 -17.41 5.54
CA GLY B 141 -5.73 -18.67 4.85
C GLY B 141 -6.90 -19.57 5.19
N ALA B 142 -7.02 -20.68 4.45
CA ALA B 142 -8.12 -21.60 4.71
C ALA B 142 -7.86 -22.93 4.03
N VAL B 143 -8.39 -24.01 4.64
CA VAL B 143 -8.39 -25.33 4.03
C VAL B 143 -9.75 -25.97 4.24
N SER B 144 -10.03 -27.01 3.44
CA SER B 144 -11.22 -27.82 3.58
C SER B 144 -10.84 -29.30 3.56
N PHE B 145 -11.61 -30.11 4.28
CA PHE B 145 -11.36 -31.55 4.29
C PHE B 145 -12.65 -32.30 4.61
N GLY B 146 -12.64 -33.60 4.31
CA GLY B 146 -13.82 -34.42 4.55
C GLY B 146 -15.07 -33.81 3.98
N GLY B 147 -14.96 -33.17 2.82
CA GLY B 147 -16.03 -32.37 2.29
C GLY B 147 -16.07 -31.01 2.94
N ALA B 148 -17.14 -30.73 3.69
CA ALA B 148 -17.39 -29.41 4.26
C ALA B 148 -16.93 -29.27 5.70
N ASN B 149 -15.74 -29.77 6.03
CA ASN B 149 -15.06 -29.37 7.26
C ASN B 149 -14.08 -28.27 6.87
N LEU B 150 -14.31 -27.06 7.38
CA LEU B 150 -13.59 -25.89 6.94
C LEU B 150 -12.74 -25.36 8.08
N ARG B 151 -11.58 -24.79 7.72
CA ARG B 151 -10.69 -24.17 8.69
C ARG B 151 -10.26 -22.84 8.10
N VAL B 152 -10.44 -21.77 8.86
CA VAL B 152 -10.02 -20.43 8.46
C VAL B 152 -8.91 -19.97 9.40
N TYR B 153 -7.82 -19.49 8.82
CA TYR B 153 -6.64 -19.05 9.57
C TYR B 153 -6.46 -17.56 9.44
N TYR B 154 -6.14 -16.91 10.55
CA TYR B 154 -6.06 -15.46 10.62
C TYR B 154 -5.11 -15.10 11.74
N GLN B 155 -4.82 -13.81 11.86
CA GLN B 155 -3.94 -13.31 12.90
C GLN B 155 -4.78 -12.59 13.94
N GLY B 156 -4.71 -13.04 15.18
CA GLY B 156 -5.46 -12.41 16.24
C GLY B 156 -4.80 -11.14 16.68
N THR B 157 -5.49 -10.44 17.58
CA THR B 157 -5.03 -9.11 17.98
C THR B 157 -3.70 -9.14 18.73
N ASN B 158 -3.32 -10.28 19.32
CA ASN B 158 -2.03 -10.43 19.96
C ASN B 158 -0.96 -10.97 19.01
N ASN B 159 -1.27 -11.04 17.71
CA ASN B 159 -0.37 -11.42 16.63
C ASN B 159 -0.14 -12.91 16.47
N LYS B 160 -0.71 -13.75 17.33
CA LYS B 160 -0.65 -15.18 17.10
C LYS B 160 -1.52 -15.55 15.90
N LEU B 161 -1.13 -16.62 15.22
CA LEU B 161 -2.03 -17.21 14.23
C LEU B 161 -3.11 -18.01 14.94
N GLU B 162 -4.33 -17.91 14.42
CA GLU B 162 -5.51 -18.50 15.04
C GLU B 162 -6.32 -19.23 13.99
N GLU B 163 -7.13 -20.18 14.47
CA GLU B 163 -7.98 -21.00 13.63
C GLU B 163 -9.44 -20.85 14.04
N TYR B 164 -10.32 -20.80 13.06
CA TYR B 164 -11.76 -20.95 13.24
C TYR B 164 -12.21 -22.18 12.47
N THR B 165 -13.15 -22.94 13.04
CA THR B 165 -13.52 -24.24 12.50
C THR B 165 -15.00 -24.29 12.15
N PHE B 166 -15.32 -25.11 11.14
CA PHE B 166 -16.69 -25.42 10.77
C PHE B 166 -16.77 -26.90 10.43
N GLY B 167 -17.86 -27.56 10.84
CA GLY B 167 -18.08 -28.93 10.41
C GLY B 167 -18.72 -29.79 11.49
N GLY B 168 -19.14 -30.99 11.12
CA GLY B 168 -19.74 -31.92 12.07
C GLY B 168 -21.02 -31.42 12.71
N GLY B 169 -21.76 -30.54 12.04
CA GLY B 169 -22.96 -29.98 12.61
C GLY B 169 -22.76 -29.02 13.75
N GLN B 170 -21.52 -28.57 13.99
CA GLN B 170 -21.20 -27.73 15.14
C GLN B 170 -21.35 -26.24 14.86
N GLY B 171 -21.46 -25.84 13.60
CA GLY B 171 -21.36 -24.44 13.26
C GLY B 171 -19.92 -23.95 13.39
N TRP B 172 -19.77 -22.64 13.23
CA TRP B 172 -18.46 -22.01 13.36
C TRP B 172 -18.07 -21.88 14.83
N LYS B 173 -16.85 -22.31 15.15
CA LYS B 173 -16.36 -22.28 16.52
CA LYS B 173 -16.36 -22.26 16.52
C LYS B 173 -14.87 -21.92 16.50
N LYS B 174 -14.41 -21.33 17.60
CA LYS B 174 -12.98 -21.07 17.73
C LYS B 174 -12.21 -22.39 17.75
N GLY B 175 -11.15 -22.45 16.95
CA GLY B 175 -10.25 -23.58 16.91
C GLY B 175 -8.96 -23.30 17.65
N ALA B 176 -7.89 -23.91 17.16
CA ALA B 176 -6.61 -23.84 17.84
C ALA B 176 -5.99 -22.44 17.76
N THR B 177 -5.13 -22.16 18.74
CA THR B 177 -4.13 -21.11 18.63
C THR B 177 -2.84 -21.79 18.18
N LEU B 178 -2.25 -21.30 17.10
CA LEU B 178 -1.14 -22.01 16.49
C LEU B 178 0.19 -21.62 17.14
N PRO B 179 1.20 -22.47 17.03
CA PRO B 179 2.51 -22.16 17.64
C PRO B 179 3.25 -21.08 16.86
N GLY B 180 4.38 -20.68 17.43
CA GLY B 180 5.26 -19.75 16.74
C GLY B 180 4.98 -18.30 17.06
N ASP B 181 5.84 -17.43 16.51
CA ASP B 181 5.86 -16.00 16.81
CA ASP B 181 5.85 -15.99 16.81
C ASP B 181 5.73 -15.24 15.50
N PRO B 182 4.50 -15.04 15.01
CA PRO B 182 4.33 -14.47 13.66
C PRO B 182 4.58 -12.97 13.61
N LEU B 183 5.16 -12.53 12.51
CA LEU B 183 5.32 -11.11 12.26
C LEU B 183 3.93 -10.46 12.20
N PRO B 184 3.70 -9.34 12.87
CA PRO B 184 2.42 -8.65 12.70
C PRO B 184 2.22 -8.30 11.24
N GLY B 185 1.07 -8.70 10.70
CA GLY B 185 0.77 -8.43 9.31
C GLY B 185 1.32 -9.42 8.32
N THR B 186 1.95 -10.49 8.79
CA THR B 186 2.55 -11.48 7.90
C THR B 186 1.54 -11.96 6.86
N TYR B 187 2.03 -12.16 5.63
CA TYR B 187 1.25 -12.96 4.70
C TYR B 187 1.20 -14.39 5.20
N ILE B 188 0.09 -15.08 4.90
CA ILE B 188 -0.06 -16.46 5.32
C ILE B 188 -0.71 -17.25 4.19
N SER B 189 -0.42 -18.55 4.16
CA SER B 189 -0.97 -19.42 3.13
C SER B 189 -1.01 -20.83 3.68
N PHE B 190 -2.20 -21.42 3.68
CA PHE B 190 -2.42 -22.76 4.22
C PHE B 190 -2.92 -23.68 3.12
N VAL B 191 -2.44 -24.94 3.16
CA VAL B 191 -2.79 -25.95 2.18
C VAL B 191 -3.10 -27.26 2.89
N ASN B 192 -3.86 -28.12 2.20
CA ASN B 192 -4.18 -29.45 2.70
C ASN B 192 -3.56 -30.45 1.73
N ARG B 193 -2.57 -31.22 2.22
CA ARG B 193 -1.86 -32.20 1.40
C ARG B 193 -2.70 -33.42 1.09
N ASN B 194 -3.79 -33.65 1.82
CA ASN B 194 -4.68 -34.77 1.57
C ASN B 194 -5.87 -34.31 0.72
N LYS B 195 -6.55 -35.29 0.13
CA LYS B 195 -7.62 -35.00 -0.83
C LYS B 195 -8.82 -34.35 -0.14
N TRP B 196 -9.58 -33.59 -0.94
CA TRP B 196 -10.66 -32.75 -0.40
C TRP B 196 -11.69 -33.56 0.37
N ASP B 197 -11.90 -34.83 0.01
CA ASP B 197 -12.89 -35.67 0.67
C ASP B 197 -12.30 -36.58 1.74
N ALA B 198 -11.00 -36.46 2.03
CA ALA B 198 -10.36 -37.32 3.02
C ALA B 198 -10.38 -36.68 4.39
N ASN B 199 -10.33 -37.51 5.41
CA ASN B 199 -10.35 -37.07 6.80
C ASN B 199 -9.57 -38.12 7.55
N PRO B 200 -8.46 -37.78 8.23
CA PRO B 200 -7.98 -36.44 8.55
C PRO B 200 -7.27 -35.70 7.41
N PRO B 201 -7.14 -34.39 7.55
CA PRO B 201 -6.34 -33.61 6.62
C PRO B 201 -4.86 -33.69 7.01
N SER B 202 -4.01 -33.09 6.18
CA SER B 202 -2.58 -32.96 6.43
C SER B 202 -2.26 -31.50 6.11
N ILE B 203 -2.22 -30.64 7.12
CA ILE B 203 -2.29 -29.19 6.90
C ILE B 203 -0.90 -28.59 7.02
N ARG B 204 -0.58 -27.68 6.09
CA ARG B 204 0.63 -26.89 6.18
C ARG B 204 0.29 -25.42 6.01
N GLY B 205 0.90 -24.58 6.83
CA GLY B 205 0.77 -23.14 6.68
C GLY B 205 2.14 -22.51 6.61
N TYR B 206 2.24 -21.44 5.82
CA TYR B 206 3.49 -20.72 5.64
C TYR B 206 3.30 -19.27 6.05
N PHE B 207 4.29 -18.74 6.77
CA PHE B 207 4.19 -17.41 7.32
C PHE B 207 5.58 -16.87 7.61
N GLN B 208 5.65 -15.58 7.94
CA GLN B 208 6.89 -14.92 8.30
C GLN B 208 6.89 -14.65 9.80
N THR B 209 8.03 -14.90 10.45
CA THR B 209 8.13 -14.73 11.89
C THR B 209 8.64 -13.33 12.25
N VAL B 210 8.64 -13.04 13.55
CA VAL B 210 9.13 -11.77 14.04
C VAL B 210 10.61 -11.55 13.75
N THR B 211 11.36 -12.60 13.42
CA THR B 211 12.78 -12.42 13.06
C THR B 211 12.97 -12.13 11.58
N GLY B 212 11.92 -12.23 10.78
CA GLY B 212 12.03 -12.12 9.34
C GLY B 212 12.13 -13.44 8.62
N SER B 213 12.40 -14.52 9.33
CA SER B 213 12.46 -15.82 8.70
C SER B 213 11.07 -16.26 8.22
N LEU B 214 11.05 -17.19 7.27
CA LEU B 214 9.82 -17.88 6.91
C LEU B 214 9.76 -19.20 7.66
N ALA B 215 8.55 -19.56 8.08
CA ALA B 215 8.33 -20.72 8.92
C ALA B 215 7.08 -21.46 8.45
N GLU B 216 6.85 -22.62 9.05
CA GLU B 216 5.81 -23.53 8.59
C GLU B 216 5.02 -24.05 9.79
N GLN B 217 3.70 -24.00 9.67
CA GLN B 217 2.77 -24.64 10.59
C GLN B 217 2.43 -26.02 10.03
N VAL B 218 2.39 -27.03 10.92
CA VAL B 218 2.11 -28.40 10.54
C VAL B 218 0.97 -28.90 11.42
N TRP B 219 -0.10 -29.42 10.81
CA TRP B 219 -1.09 -30.20 11.54
C TRP B 219 -1.13 -31.62 10.99
N GLU B 220 -0.95 -32.57 11.89
CA GLU B 220 -1.20 -33.99 11.66
C GLU B 220 -1.96 -34.47 12.88
N THR B 221 -2.50 -35.69 12.81
CA THR B 221 -3.09 -36.26 14.01
C THR B 221 -2.11 -36.15 15.16
N GLY B 222 -2.58 -35.60 16.28
CA GLY B 222 -1.74 -35.27 17.41
C GLY B 222 -1.65 -33.78 17.69
N GLY B 223 -1.78 -32.94 16.66
CA GLY B 223 -1.92 -31.53 16.89
C GLY B 223 -0.94 -30.73 16.06
N TRP B 224 -0.87 -29.44 16.37
CA TRP B 224 -0.06 -28.49 15.63
C TRP B 224 1.39 -28.48 16.11
N ARG B 225 2.29 -28.23 15.17
CA ARG B 225 3.70 -28.06 15.49
C ARG B 225 4.35 -27.19 14.43
N ILE B 226 5.52 -26.65 14.75
CA ILE B 226 6.32 -25.92 13.78
C ILE B 226 7.10 -26.94 12.95
N GLY B 227 7.04 -26.79 11.63
CA GLY B 227 7.63 -27.75 10.71
C GLY B 227 9.07 -27.43 10.36
N GLN B 228 9.64 -28.27 9.49
CA GLN B 228 11.05 -28.20 9.14
CA GLN B 228 11.06 -28.17 9.17
C GLN B 228 11.37 -27.18 8.06
N PHE B 229 10.38 -26.64 7.36
CA PHE B 229 10.63 -25.61 6.35
C PHE B 229 11.07 -24.34 7.04
N VAL B 230 12.31 -23.90 6.77
CA VAL B 230 12.87 -22.69 7.37
C VAL B 230 13.61 -21.93 6.29
N ILE B 231 13.22 -20.67 6.07
CA ILE B 231 13.99 -19.74 5.25
C ILE B 231 14.54 -18.68 6.20
N PRO B 232 15.87 -18.62 6.41
CA PRO B 232 16.39 -17.77 7.49
C PRO B 232 16.10 -16.30 7.31
N ALA B 233 16.00 -15.81 6.08
CA ALA B 233 15.81 -14.39 5.83
C ALA B 233 14.96 -14.19 4.59
N ALA B 234 14.06 -13.23 4.67
CA ALA B 234 13.20 -12.87 3.54
C ALA B 234 12.89 -11.39 3.65
N PRO B 235 12.43 -10.75 2.56
CA PRO B 235 12.06 -9.34 2.66
C PRO B 235 10.95 -9.12 3.67
N PHE B 236 10.98 -7.95 4.31
CA PHE B 236 9.98 -7.58 5.29
C PHE B 236 8.58 -7.60 4.67
N LEU B 237 7.66 -8.32 5.31
CA LEU B 237 6.30 -8.45 4.81
C LEU B 237 6.27 -8.96 3.37
N THR B 238 7.11 -9.95 3.07
CA THR B 238 7.08 -10.52 1.73
C THR B 238 5.75 -11.23 1.48
N PRO B 239 5.15 -11.03 0.32
CA PRO B 239 4.04 -11.90 -0.09
C PRO B 239 4.46 -13.36 -0.05
N ILE B 240 3.51 -14.22 0.33
CA ILE B 240 3.72 -15.66 0.42
C ILE B 240 2.47 -16.33 -0.13
N SER B 241 2.64 -17.36 -0.96
CA SER B 241 1.50 -18.18 -1.34
C SER B 241 1.99 -19.59 -1.63
N ALA B 242 1.26 -20.58 -1.12
CA ALA B 242 1.60 -21.98 -1.32
C ALA B 242 0.43 -22.71 -1.96
N THR B 243 0.76 -23.82 -2.64
CA THR B 243 -0.24 -24.67 -3.26
C THR B 243 0.28 -26.10 -3.24
N VAL B 244 -0.64 -27.06 -3.22
CA VAL B 244 -0.25 -28.47 -3.18
C VAL B 244 -1.19 -29.28 -4.07
N SER B 245 -0.63 -30.30 -4.73
CA SER B 245 -1.38 -31.26 -5.52
C SER B 245 -0.47 -32.46 -5.70
N PRO B 246 -1.03 -33.67 -5.86
CA PRO B 246 -0.15 -34.85 -5.89
C PRO B 246 0.55 -34.99 -7.24
N GLU B 247 1.86 -35.17 -7.20
CA GLU B 247 2.65 -35.51 -8.38
C GLU B 247 3.12 -36.95 -8.21
N LYS B 248 2.80 -37.80 -9.18
CA LYS B 248 3.08 -39.22 -9.09
C LYS B 248 2.65 -39.75 -7.72
N ASP B 249 1.43 -39.38 -7.33
CA ASP B 249 0.72 -39.89 -6.16
C ASP B 249 1.26 -39.36 -4.83
N PHE B 250 2.18 -38.41 -4.84
CA PHE B 250 2.71 -37.87 -3.61
C PHE B 250 2.54 -36.36 -3.58
N PRO B 251 2.04 -35.78 -2.48
CA PRO B 251 1.76 -34.34 -2.48
C PRO B 251 3.00 -33.49 -2.80
N LYS B 252 2.85 -32.61 -3.78
N LYS B 252 2.85 -32.62 -3.79
CA LYS B 252 3.92 -31.70 -4.17
CA LYS B 252 3.91 -31.70 -4.17
C LYS B 252 3.51 -30.30 -3.72
C LYS B 252 3.50 -30.31 -3.71
N ILE B 253 4.20 -29.79 -2.71
CA ILE B 253 3.95 -28.44 -2.21
C ILE B 253 4.85 -27.49 -2.98
N HIS B 254 4.27 -26.40 -3.48
CA HIS B 254 5.04 -25.28 -4.03
C HIS B 254 4.81 -24.10 -3.10
N VAL B 255 5.89 -23.52 -2.57
CA VAL B 255 5.82 -22.33 -1.73
C VAL B 255 6.49 -21.18 -2.47
N TYR B 256 5.79 -20.07 -2.61
CA TYR B 256 6.29 -18.90 -3.34
C TYR B 256 6.37 -17.69 -2.42
N TRP B 257 7.44 -16.92 -2.58
CA TRP B 257 7.58 -15.63 -1.93
C TRP B 257 8.44 -14.75 -2.83
N LEU B 258 8.69 -13.52 -2.39
CA LEU B 258 9.44 -12.58 -3.21
C LEU B 258 10.84 -12.35 -2.68
N SER B 259 11.79 -12.19 -3.61
CA SER B 259 13.15 -11.82 -3.30
C SER B 259 13.23 -10.30 -3.05
N VAL B 260 14.42 -9.83 -2.66
CA VAL B 260 14.61 -8.39 -2.49
C VAL B 260 14.44 -7.64 -3.80
N GLU B 261 14.60 -8.31 -4.93
CA GLU B 261 14.36 -7.74 -6.25
C GLU B 261 12.90 -7.86 -6.65
N SER B 262 12.05 -8.37 -5.77
CA SER B 262 10.64 -8.63 -6.07
C SER B 262 10.47 -9.59 -7.23
N THR B 263 11.39 -10.54 -7.37
CA THR B 263 11.18 -11.69 -8.24
C THR B 263 10.65 -12.85 -7.40
N ILE B 264 9.97 -13.78 -8.07
CA ILE B 264 9.29 -14.87 -7.37
C ILE B 264 10.24 -16.03 -7.11
N ILE B 265 10.38 -16.38 -5.84
CA ILE B 265 11.18 -17.52 -5.42
CA ILE B 265 11.18 -17.52 -5.40
C ILE B 265 10.25 -18.68 -5.11
N GLU B 266 10.66 -19.89 -5.51
CA GLU B 266 9.89 -21.10 -5.31
C GLU B 266 10.68 -22.13 -4.54
N SER B 267 10.05 -22.77 -3.56
N SER B 267 10.06 -22.75 -3.54
CA SER B 267 10.63 -23.95 -2.94
CA SER B 267 10.56 -23.93 -2.89
C SER B 267 9.61 -25.08 -2.96
C SER B 267 9.56 -25.07 -3.08
N VAL B 268 10.06 -26.25 -3.42
CA VAL B 268 9.19 -27.41 -3.63
C VAL B 268 9.45 -28.44 -2.53
N ASN B 269 8.37 -29.01 -2.00
CA ASN B 269 8.45 -30.19 -1.15
C ASN B 269 7.82 -31.35 -1.90
N TRP B 270 8.62 -32.38 -2.16
CA TRP B 270 8.15 -33.57 -2.84
C TRP B 270 9.21 -34.62 -2.60
N HIS B 271 8.95 -35.55 -1.68
CA HIS B 271 10.00 -36.43 -1.16
C HIS B 271 11.20 -35.62 -0.68
N GLY B 272 10.92 -34.64 0.16
CA GLY B 272 11.91 -33.75 0.72
C GLY B 272 11.83 -32.35 0.11
N TRP B 273 12.36 -31.38 0.86
CA TRP B 273 12.42 -29.99 0.38
C TRP B 273 13.58 -29.82 -0.59
N LYS B 274 13.34 -29.08 -1.66
CA LYS B 274 14.38 -28.69 -2.60
C LYS B 274 14.77 -27.25 -2.36
N ALA B 275 15.98 -26.90 -2.82
CA ALA B 275 16.51 -25.57 -2.57
C ALA B 275 15.63 -24.51 -3.25
N PRO B 276 15.47 -23.34 -2.64
CA PRO B 276 14.69 -22.27 -3.27
C PRO B 276 15.35 -21.85 -4.58
N LYS B 277 14.51 -21.45 -5.54
CA LYS B 277 14.97 -21.11 -6.87
CA LYS B 277 14.99 -21.07 -6.86
C LYS B 277 14.06 -20.02 -7.43
N GLN B 278 14.66 -19.01 -8.06
CA GLN B 278 13.89 -17.98 -8.74
C GLN B 278 13.24 -18.57 -9.98
N ILE B 279 11.94 -18.33 -10.18
CA ILE B 279 11.24 -18.93 -11.31
C ILE B 279 11.42 -18.11 -12.59
N ASP B 280 11.63 -16.81 -12.46
CA ASP B 280 11.99 -15.94 -13.57
C ASP B 280 12.55 -14.67 -12.95
N ASN B 281 13.21 -13.85 -13.78
CA ASN B 281 13.89 -12.67 -13.27
C ASN B 281 13.13 -11.36 -13.50
N ILE B 282 11.80 -11.43 -13.63
CA ILE B 282 10.98 -10.24 -13.85
C ILE B 282 10.45 -9.76 -12.51
N SER B 283 10.65 -8.49 -12.20
CA SER B 283 10.21 -7.94 -10.92
C SER B 283 8.72 -7.63 -10.97
N VAL B 284 7.96 -8.31 -10.11
CA VAL B 284 6.54 -8.02 -9.95
C VAL B 284 6.39 -6.85 -8.99
N VAL B 285 5.19 -6.29 -8.87
CA VAL B 285 4.93 -5.34 -7.81
C VAL B 285 4.94 -6.08 -6.49
N LYS B 286 5.61 -5.54 -5.48
CA LYS B 286 5.68 -6.20 -4.18
CA LYS B 286 5.68 -6.20 -4.18
C LYS B 286 4.30 -6.09 -3.54
N ALA B 287 3.50 -7.14 -3.70
CA ALA B 287 2.10 -7.15 -3.34
C ALA B 287 1.64 -8.61 -3.42
N ASP B 288 0.46 -8.86 -2.87
CA ASP B 288 -0.05 -10.22 -2.72
C ASP B 288 0.03 -11.01 -4.03
N ILE B 289 0.40 -12.29 -3.89
CA ILE B 289 0.35 -13.25 -4.99
C ILE B 289 -0.54 -14.41 -4.56
N SER B 290 -0.94 -15.21 -5.54
CA SER B 290 -1.82 -16.34 -5.27
C SER B 290 -1.48 -17.47 -6.21
N ALA B 291 -1.12 -18.62 -5.66
CA ALA B 291 -0.77 -19.80 -6.43
C ALA B 291 -1.86 -20.85 -6.32
N THR B 292 -2.05 -21.61 -7.40
CA THR B 292 -2.99 -22.72 -7.42
C THR B 292 -2.39 -23.80 -8.31
N SER B 293 -2.88 -25.03 -8.16
CA SER B 293 -2.29 -26.14 -8.89
C SER B 293 -3.31 -27.27 -9.05
N PHE B 294 -3.06 -28.12 -10.05
CA PHE B 294 -3.85 -29.33 -10.23
C PHE B 294 -2.96 -30.41 -10.83
N THR B 295 -3.46 -31.64 -10.74
CA THR B 295 -2.75 -32.82 -11.24
C THR B 295 -3.43 -33.31 -12.51
N ARG B 296 -2.66 -33.41 -13.58
CA ARG B 296 -3.17 -33.95 -14.83
C ARG B 296 -3.38 -35.47 -14.72
N ASP B 297 -4.09 -36.02 -15.71
CA ASP B 297 -4.33 -37.46 -15.76
C ASP B 297 -3.04 -38.26 -15.73
N ASP B 298 -1.94 -37.69 -16.25
CA ASP B 298 -0.66 -38.40 -16.27
C ASP B 298 0.13 -38.26 -14.96
N GLY B 299 -0.43 -37.60 -13.95
CA GLY B 299 0.23 -37.52 -12.66
C GLY B 299 1.17 -36.34 -12.49
N THR B 300 1.29 -35.46 -13.49
CA THR B 300 2.12 -34.28 -13.36
C THR B 300 1.29 -33.08 -12.89
N VAL B 301 1.96 -32.13 -12.26
CA VAL B 301 1.29 -31.03 -11.59
C VAL B 301 1.54 -29.71 -12.33
N ASP B 302 0.46 -29.06 -12.73
CA ASP B 302 0.49 -27.70 -13.28
C ASP B 302 0.35 -26.70 -12.15
N VAL B 303 0.98 -25.54 -12.31
CA VAL B 303 0.85 -24.43 -11.37
C VAL B 303 0.43 -23.18 -12.13
N ARG B 304 -0.39 -22.35 -11.49
CA ARG B 304 -0.66 -21.00 -11.96
C ARG B 304 -0.40 -20.04 -10.80
N ILE B 305 0.24 -18.91 -11.10
CA ILE B 305 0.43 -17.86 -10.11
C ILE B 305 -0.18 -16.57 -10.64
N TYR B 306 -0.95 -15.90 -9.79
CA TYR B 306 -1.57 -14.62 -10.08
C TYR B 306 -1.00 -13.57 -9.14
N GLY B 307 -0.95 -12.33 -9.61
CA GLY B 307 -0.46 -11.24 -8.78
C GLY B 307 -0.42 -9.97 -9.60
N THR B 308 0.33 -8.98 -9.10
CA THR B 308 0.41 -7.68 -9.75
C THR B 308 1.75 -7.53 -10.45
N ALA B 309 1.71 -7.28 -11.75
CA ALA B 309 2.89 -6.98 -12.54
C ALA B 309 2.94 -5.47 -12.82
N GLN B 310 4.14 -5.00 -13.19
CA GLN B 310 4.27 -3.59 -13.55
C GLN B 310 3.36 -3.27 -14.72
N LEU B 311 2.74 -2.08 -14.72
CA LEU B 311 2.76 -1.13 -13.61
C LEU B 311 1.65 -1.46 -12.60
N ASN B 312 0.48 -1.82 -13.09
CA ASN B 312 -0.57 -2.38 -12.23
C ASN B 312 -1.46 -3.27 -13.09
N VAL B 313 -1.03 -4.50 -13.32
CA VAL B 313 -1.80 -5.43 -14.12
C VAL B 313 -1.85 -6.79 -13.43
N LEU B 314 -2.94 -7.50 -13.65
CA LEU B 314 -3.11 -8.84 -13.11
C LEU B 314 -2.36 -9.82 -14.02
N PHE B 315 -1.28 -10.41 -13.51
CA PHE B 315 -0.50 -11.36 -14.31
C PHE B 315 -0.98 -12.79 -14.07
N GLU B 316 -0.68 -13.65 -15.05
CA GLU B 316 -0.76 -15.10 -14.87
C GLU B 316 0.55 -15.72 -15.35
N ARG B 317 1.23 -16.41 -14.43
CA ARG B 317 2.39 -17.22 -14.75
C ARG B 317 1.97 -18.67 -14.78
N ILE B 318 2.46 -19.42 -15.77
CA ILE B 318 1.98 -20.77 -16.07
C ILE B 318 3.15 -21.74 -15.99
N PHE B 319 3.02 -22.75 -15.13
CA PHE B 319 3.90 -23.92 -15.11
C PHE B 319 3.09 -25.09 -15.66
N ARG B 320 3.50 -25.63 -16.81
CA ARG B 320 2.68 -26.59 -17.51
C ARG B 320 3.61 -27.58 -18.19
N TYR B 321 3.35 -28.88 -18.00
CA TYR B 321 4.19 -29.93 -18.56
C TYR B 321 5.67 -29.70 -18.23
N GLY B 322 5.93 -29.33 -16.98
CA GLY B 322 7.28 -29.30 -16.45
C GLY B 322 8.09 -28.04 -16.69
N VAL B 323 7.51 -27.00 -17.29
CA VAL B 323 8.25 -25.79 -17.60
C VAL B 323 7.40 -24.55 -17.29
N TRP B 324 8.08 -23.49 -16.86
CA TRP B 324 7.46 -22.16 -16.80
C TRP B 324 7.41 -21.62 -18.21
N GLU B 325 6.22 -21.24 -18.66
CA GLU B 325 6.06 -20.73 -20.01
C GLU B 325 6.59 -19.31 -20.09
N GLU B 326 7.27 -18.99 -21.18
CA GLU B 326 7.89 -17.67 -21.30
C GLU B 326 6.85 -16.58 -21.43
N LYS B 327 5.70 -16.89 -22.04
CA LYS B 327 4.61 -15.93 -22.17
C LYS B 327 3.94 -15.76 -20.81
N ILE B 328 4.10 -14.57 -20.23
CA ILE B 328 3.40 -14.21 -19.00
C ILE B 328 2.17 -13.40 -19.40
N HIS B 329 1.00 -13.90 -19.03
CA HIS B 329 -0.24 -13.31 -19.50
C HIS B 329 -0.66 -12.15 -18.61
N SER B 330 -1.52 -11.31 -19.17
CA SER B 330 -2.16 -10.23 -18.42
CA SER B 330 -2.16 -10.23 -18.43
CA SER B 330 -2.16 -10.23 -18.43
C SER B 330 -3.66 -10.38 -18.61
N ILE B 331 -4.41 -10.15 -17.53
CA ILE B 331 -5.87 -10.29 -17.54
C ILE B 331 -6.46 -8.92 -17.26
N SER B 332 -7.06 -8.30 -18.28
CA SER B 332 -7.61 -6.96 -18.11
C SER B 332 -8.84 -6.99 -17.22
N VAL B 333 -8.93 -6.04 -16.29
CA VAL B 333 -10.04 -5.97 -15.36
C VAL B 333 -10.72 -4.60 -15.41
N GLY B 334 -10.37 -3.78 -16.39
CA GLY B 334 -11.00 -2.48 -16.53
C GLY B 334 -10.14 -1.57 -17.38
N LYS B 335 -10.37 -0.26 -17.21
CA LYS B 335 -9.71 0.76 -18.00
C LYS B 335 -8.21 0.78 -17.74
N GLU B 336 -7.45 1.10 -18.79
CA GLU B 336 -6.00 1.00 -18.76
C GLU B 336 -5.37 2.18 -19.49
N ILE B 337 -4.17 2.54 -19.05
CA ILE B 337 -3.38 3.48 -19.84
CA ILE B 337 -3.33 3.55 -19.70
C ILE B 337 -1.97 2.91 -19.98
N PRO B 338 -1.39 3.06 -21.17
CA PRO B 338 0.01 2.67 -21.38
C PRO B 338 0.90 3.82 -20.98
N ILE B 339 2.02 3.49 -20.35
CA ILE B 339 2.98 4.49 -19.88
C ILE B 339 4.38 4.03 -20.27
N GLU B 340 5.20 4.97 -20.75
CA GLU B 340 6.58 4.63 -21.04
CA GLU B 340 6.59 4.65 -21.05
CA GLU B 340 6.59 4.66 -21.04
C GLU B 340 7.37 4.52 -19.74
N VAL B 341 8.19 3.47 -19.66
CA VAL B 341 9.01 3.16 -18.50
C VAL B 341 10.47 3.24 -18.95
N VAL B 342 11.30 3.95 -18.17
CA VAL B 342 12.72 4.07 -18.46
CA VAL B 342 12.73 4.07 -18.45
CA VAL B 342 12.73 4.07 -18.45
C VAL B 342 13.52 3.57 -17.25
N GLY B 343 14.56 2.79 -17.54
CA GLY B 343 15.44 2.30 -16.49
C GLY B 343 16.42 3.38 -16.09
N VAL B 344 16.50 3.64 -14.78
CA VAL B 344 17.36 4.67 -14.23
C VAL B 344 18.28 4.05 -13.18
N ALA B 345 19.56 4.43 -13.22
CA ALA B 345 20.57 3.81 -12.38
C ALA B 345 20.83 4.55 -11.08
N ALA B 346 20.46 5.82 -10.98
CA ALA B 346 20.72 6.60 -9.78
C ALA B 346 19.56 7.55 -9.52
N ALA B 347 19.59 8.21 -8.36
CA ALA B 347 18.50 9.11 -7.99
C ALA B 347 18.35 10.25 -9.00
N LEU B 348 19.45 10.85 -9.41
CA LEU B 348 19.41 11.98 -10.35
C LEU B 348 20.49 11.85 -11.42
#